data_3W6S
#
_entry.id   3W6S
#
_cell.length_a   83.862
_cell.length_b   83.862
_cell.length_c   193.819
_cell.angle_alpha   90.00
_cell.angle_beta   90.00
_cell.angle_gamma   120.00
#
_symmetry.space_group_name_H-M   'P 31 1 2'
#
loop_
_entity.id
_entity.type
_entity.pdbx_description
1 polymer 'MPR1 protein'
2 non-polymer 'HEXAETHYLENE GLYCOL'
3 non-polymer 'MAGNESIUM ION'
4 water water
#
_entity_poly.entity_id   1
_entity_poly.type   'polypeptide(L)'
_entity_poly.pdbx_seq_one_letter_code
;MKHHHHHHMHAGAQMDAESIEWKLTANLRNGPTFFQPLADSIEPLQFKLIGSDTVATAFPVFDTKYIPDSLINYLFKLFN
LEIESGKTYPQLHSLTKQGFLNYWFHSFAVVVLQTDEKFIQDNQDWNSVLLGTFYIKPNYAPRCSHNCNAGFLVNGAHRG
QKVGYRLAQVYLNWAPLLGYKYSIFNLVFVTNQASWKIWDKLNFQRIGLVPHAGILNGFSEPVDAIIYGKDLTKIEPEFL
SME
;
_entity_poly.pdbx_strand_id   A,B,C
#
loop_
_chem_comp.id
_chem_comp.type
_chem_comp.name
_chem_comp.formula
MG non-polymer 'MAGNESIUM ION' 'Mg 2'
P6G non-polymer 'HEXAETHYLENE GLYCOL' 'C12 H26 O7'
#
# COMPACT_ATOMS: atom_id res chain seq x y z
N SER A 19 39.01 -21.87 20.72
CA SER A 19 39.24 -21.93 19.28
C SER A 19 38.22 -21.12 18.50
N ILE A 20 38.61 -20.69 17.31
CA ILE A 20 37.69 -19.93 16.47
C ILE A 20 37.58 -20.53 15.08
N GLU A 21 38.02 -21.76 14.91
CA GLU A 21 37.95 -22.41 13.62
C GLU A 21 36.53 -22.36 13.08
N TRP A 22 35.56 -22.39 13.98
CA TRP A 22 34.17 -22.47 13.58
C TRP A 22 33.66 -21.20 12.90
N LYS A 23 34.40 -20.11 12.97
CA LYS A 23 33.99 -18.88 12.32
C LYS A 23 35.02 -18.36 11.35
N LEU A 24 35.94 -19.23 10.92
CA LEU A 24 36.94 -18.86 9.93
C LEU A 24 36.47 -19.03 8.48
N THR A 25 36.53 -17.96 7.71
CA THR A 25 36.17 -18.02 6.30
C THR A 25 37.11 -18.94 5.55
N ALA A 26 38.29 -19.16 6.12
CA ALA A 26 39.27 -20.11 5.58
C ALA A 26 38.68 -21.50 5.43
N ASN A 27 37.62 -21.79 6.16
CA ASN A 27 37.04 -23.11 6.16
C ASN A 27 35.80 -23.18 5.27
N LEU A 28 35.60 -22.16 4.46
CA LEU A 28 34.41 -22.09 3.64
C LEU A 28 34.47 -23.18 2.60
N ARG A 29 33.47 -24.05 2.59
CA ARG A 29 33.39 -25.13 1.62
C ARG A 29 32.52 -24.75 0.42
N ASN A 30 32.97 -25.13 -0.78
CA ASN A 30 32.16 -25.01 -2.01
C ASN A 30 31.59 -23.61 -2.21
N GLY A 31 32.41 -22.60 -1.98
CA GLY A 31 32.02 -21.22 -2.22
C GLY A 31 32.54 -20.75 -3.58
N PRO A 32 32.63 -19.43 -3.78
CA PRO A 32 33.11 -18.76 -5.00
C PRO A 32 34.50 -19.20 -5.46
N THR A 33 34.64 -19.37 -6.75
CA THR A 33 35.89 -19.82 -7.35
C THR A 33 36.85 -18.66 -7.57
N PHE A 34 36.31 -17.52 -7.98
CA PHE A 34 37.14 -16.42 -8.45
C PHE A 34 37.40 -15.31 -7.42
N PHE A 35 36.67 -15.32 -6.31
CA PHE A 35 36.76 -14.23 -5.35
C PHE A 35 36.95 -14.74 -3.94
N GLN A 36 37.83 -14.08 -3.20
CA GLN A 36 38.10 -14.46 -1.84
C GLN A 36 37.12 -13.78 -0.90
N PRO A 37 37.05 -14.27 0.35
CA PRO A 37 36.28 -13.61 1.41
C PRO A 37 36.84 -12.24 1.71
N LEU A 38 35.99 -11.37 2.22
CA LEU A 38 36.40 -10.03 2.56
C LEU A 38 36.73 -9.95 4.05
N ALA A 39 36.41 -10.98 4.81
CA ALA A 39 36.79 -11.03 6.21
C ALA A 39 37.42 -12.35 6.52
N ASP A 40 38.30 -12.37 7.52
CA ASP A 40 38.95 -13.59 7.90
C ASP A 40 38.03 -14.42 8.80
N SER A 41 37.00 -13.78 9.33
CA SER A 41 36.09 -14.48 10.22
C SER A 41 34.70 -13.91 10.09
N ILE A 42 33.72 -14.69 10.49
CA ILE A 42 32.37 -14.19 10.64
C ILE A 42 32.02 -14.20 12.12
N GLU A 43 31.91 -13.02 12.71
CA GLU A 43 31.58 -12.91 14.12
C GLU A 43 30.06 -12.95 14.31
N PRO A 44 29.61 -13.67 15.34
CA PRO A 44 28.18 -13.73 15.62
C PRO A 44 27.56 -12.35 15.77
N LEU A 45 26.35 -12.22 15.27
CA LEU A 45 25.72 -10.94 15.14
C LEU A 45 24.53 -10.91 16.08
N GLN A 46 24.55 -9.99 17.04
CA GLN A 46 23.46 -9.88 18.00
C GLN A 46 22.63 -8.68 17.66
N PHE A 47 21.34 -8.77 17.95
CA PHE A 47 20.44 -7.68 17.67
C PHE A 47 19.16 -8.05 18.33
N LYS A 48 18.17 -7.16 18.26
CA LYS A 48 16.90 -7.46 18.87
C LYS A 48 15.83 -7.80 17.84
N LEU A 49 14.86 -8.61 18.23
CA LEU A 49 13.70 -8.87 17.40
C LEU A 49 12.97 -7.55 17.23
N ILE A 50 12.48 -7.31 16.03
CA ILE A 50 11.81 -6.04 15.74
C ILE A 50 10.69 -5.72 16.74
N GLY A 51 10.71 -4.51 17.28
CA GLY A 51 9.68 -4.07 18.20
C GLY A 51 9.74 -4.79 19.52
N SER A 52 10.92 -5.31 19.85
CA SER A 52 11.06 -6.11 21.04
C SER A 52 12.36 -5.79 21.76
N ASP A 53 12.47 -6.23 23.01
CA ASP A 53 13.70 -6.11 23.77
C ASP A 53 14.34 -7.50 23.84
N THR A 54 13.73 -8.46 23.15
CA THR A 54 14.27 -9.82 23.10
C THR A 54 15.50 -9.87 22.19
N VAL A 55 16.58 -10.45 22.70
CA VAL A 55 17.85 -10.50 22.00
C VAL A 55 18.02 -11.78 21.19
N ALA A 56 18.52 -11.63 19.98
CA ALA A 56 18.81 -12.77 19.12
C ALA A 56 20.27 -12.75 18.68
N THR A 57 20.83 -13.91 18.40
CA THR A 57 22.18 -13.97 17.90
C THR A 57 22.24 -14.87 16.68
N ALA A 58 22.92 -14.40 15.65
CA ALA A 58 23.07 -15.18 14.44
C ALA A 58 24.45 -15.83 14.45
N PHE A 59 24.52 -17.09 14.05
CA PHE A 59 25.78 -17.82 14.06
C PHE A 59 26.12 -18.40 12.70
N PRO A 60 27.38 -18.30 12.32
CA PRO A 60 27.86 -18.93 11.08
C PRO A 60 27.98 -20.44 11.24
N VAL A 61 27.77 -21.17 10.16
CA VAL A 61 27.98 -22.59 10.15
C VAL A 61 28.74 -22.95 8.89
N PHE A 62 30.04 -23.14 9.06
CA PHE A 62 30.89 -23.54 7.96
C PHE A 62 30.94 -25.06 7.81
N ASP A 63 30.58 -25.77 8.88
CA ASP A 63 30.59 -27.21 8.87
C ASP A 63 29.67 -27.69 9.98
N THR A 64 28.98 -28.79 9.72
CA THR A 64 27.96 -29.26 10.63
C THR A 64 28.50 -29.69 11.98
N LYS A 65 29.79 -30.00 12.02
CA LYS A 65 30.42 -30.48 13.24
C LYS A 65 30.51 -29.42 14.32
N TYR A 66 30.43 -28.16 13.89
CA TYR A 66 30.50 -27.07 14.82
C TYR A 66 29.17 -26.73 15.42
N ILE A 67 28.13 -27.49 15.11
CA ILE A 67 26.85 -27.28 15.78
C ILE A 67 26.28 -28.59 16.33
N PRO A 68 25.47 -28.50 17.41
CA PRO A 68 24.92 -29.69 18.07
C PRO A 68 23.99 -30.50 17.18
N ASP A 69 24.08 -31.82 17.27
CA ASP A 69 23.26 -32.70 16.48
C ASP A 69 21.78 -32.46 16.73
N SER A 70 21.41 -32.21 17.98
CA SER A 70 20.01 -32.04 18.32
C SER A 70 19.39 -30.91 17.50
N LEU A 71 20.16 -29.84 17.29
CA LEU A 71 19.68 -28.72 16.49
C LEU A 71 19.55 -29.09 15.02
N ILE A 72 20.56 -29.78 14.50
CA ILE A 72 20.55 -30.21 13.11
C ILE A 72 19.30 -31.05 12.87
N ASN A 73 19.06 -31.98 13.79
CA ASN A 73 17.92 -32.86 13.66
C ASN A 73 16.59 -32.11 13.78
N TYR A 74 16.61 -31.02 14.53
CA TYR A 74 15.45 -30.16 14.62
C TYR A 74 15.18 -29.48 13.30
N LEU A 75 16.24 -28.92 12.73
CA LEU A 75 16.13 -28.19 11.47
C LEU A 75 15.70 -29.14 10.38
N PHE A 76 16.22 -30.35 10.43
CA PHE A 76 15.84 -31.39 9.50
C PHE A 76 14.33 -31.51 9.46
N LYS A 77 13.71 -31.64 10.63
CA LYS A 77 12.28 -31.79 10.72
C LYS A 77 11.53 -30.53 10.33
N LEU A 78 12.10 -29.39 10.68
CA LEU A 78 11.51 -28.11 10.35
C LEU A 78 11.37 -27.90 8.85
N PHE A 79 12.39 -28.31 8.10
CA PHE A 79 12.42 -28.16 6.66
C PHE A 79 11.39 -29.10 6.00
N ASN A 80 11.35 -30.34 6.46
CA ASN A 80 10.41 -31.30 5.91
C ASN A 80 8.97 -30.92 6.16
N LEU A 81 8.70 -30.25 7.28
CA LEU A 81 7.37 -29.74 7.53
C LEU A 81 7.04 -28.68 6.49
N GLU A 82 8.02 -27.83 6.23
CA GLU A 82 7.87 -26.76 5.25
C GLU A 82 7.64 -27.35 3.87
N ILE A 83 8.32 -28.45 3.59
N ILE A 83 8.31 -28.44 3.58
CA ILE A 83 8.16 -29.15 2.32
CA ILE A 83 8.14 -29.12 2.30
C ILE A 83 6.77 -29.74 2.23
C ILE A 83 6.77 -29.74 2.23
N GLU A 84 6.38 -30.42 3.30
CA GLU A 84 5.09 -31.09 3.38
C GLU A 84 3.92 -30.13 3.24
N SER A 85 4.11 -28.87 3.62
CA SER A 85 3.08 -27.84 3.42
C SER A 85 2.81 -27.59 1.94
N GLY A 86 3.86 -27.64 1.14
CA GLY A 86 3.72 -27.63 -0.31
C GLY A 86 3.40 -26.28 -0.90
N LYS A 87 3.93 -25.21 -0.31
CA LYS A 87 3.62 -23.85 -0.75
C LYS A 87 4.82 -22.94 -0.97
N THR A 88 5.99 -23.41 -0.58
CA THR A 88 7.16 -22.54 -0.52
C THR A 88 8.32 -23.05 -1.35
N TYR A 89 8.59 -24.34 -1.24
CA TYR A 89 9.69 -24.97 -1.95
C TYR A 89 9.17 -25.91 -3.03
N PRO A 90 9.97 -26.14 -4.07
CA PRO A 90 9.61 -27.00 -5.22
C PRO A 90 9.62 -28.49 -4.92
N GLN A 91 10.24 -28.90 -3.82
CA GLN A 91 10.28 -30.31 -3.46
C GLN A 91 8.88 -30.83 -3.21
N LEU A 92 8.65 -32.07 -3.60
CA LEU A 92 7.38 -32.72 -3.33
C LEU A 92 7.52 -33.55 -2.06
N HIS A 93 8.65 -34.23 -1.95
CA HIS A 93 8.87 -35.21 -0.90
C HIS A 93 9.83 -34.73 0.18
N SER A 94 9.70 -35.32 1.37
CA SER A 94 10.62 -35.04 2.46
C SER A 94 11.97 -35.66 2.17
N LEU A 95 13.02 -34.99 2.61
CA LEU A 95 14.37 -35.43 2.39
C LEU A 95 14.78 -36.47 3.41
N THR A 96 15.74 -37.31 3.04
CA THR A 96 16.45 -38.11 4.01
C THR A 96 17.46 -37.24 4.74
N LYS A 97 17.91 -37.71 5.90
CA LYS A 97 18.85 -37.00 6.74
C LYS A 97 20.11 -36.66 5.97
N GLN A 98 20.58 -37.58 5.16
CA GLN A 98 21.77 -37.30 4.40
C GLN A 98 21.48 -36.34 3.28
N GLY A 99 20.28 -36.42 2.71
CA GLY A 99 19.89 -35.53 1.64
C GLY A 99 19.77 -34.12 2.17
N PHE A 100 19.30 -33.99 3.40
CA PHE A 100 19.12 -32.68 3.99
C PHE A 100 20.48 -32.06 4.28
N LEU A 101 21.42 -32.87 4.77
CA LEU A 101 22.75 -32.38 5.11
C LEU A 101 23.44 -31.87 3.86
N ASN A 102 23.30 -32.62 2.78
CA ASN A 102 23.95 -32.27 1.55
C ASN A 102 23.32 -31.04 0.94
N TYR A 103 22.08 -30.77 1.32
CA TYR A 103 21.33 -29.68 0.73
C TYR A 103 21.56 -28.40 1.52
N TRP A 104 21.31 -28.45 2.82
CA TRP A 104 21.37 -27.24 3.63
C TRP A 104 22.80 -26.84 3.94
N PHE A 105 23.70 -27.81 4.01
CA PHE A 105 25.08 -27.58 4.44
C PHE A 105 26.07 -27.91 3.35
N HIS A 106 25.65 -27.75 2.11
CA HIS A 106 26.56 -27.95 1.00
C HIS A 106 27.71 -26.97 1.09
N SER A 107 27.42 -25.74 1.47
CA SER A 107 28.43 -24.71 1.53
C SER A 107 28.32 -24.03 2.88
N PHE A 108 27.55 -22.96 2.98
CA PHE A 108 27.51 -22.18 4.19
C PHE A 108 26.09 -22.17 4.73
N ALA A 109 25.95 -22.00 6.04
CA ALA A 109 24.63 -21.86 6.62
C ALA A 109 24.69 -20.95 7.82
N VAL A 110 23.53 -20.57 8.31
CA VAL A 110 23.43 -19.68 9.44
C VAL A 110 22.30 -20.18 10.30
N VAL A 111 22.49 -20.10 11.61
CA VAL A 111 21.42 -20.36 12.55
C VAL A 111 21.23 -19.15 13.43
N VAL A 112 19.98 -18.82 13.71
CA VAL A 112 19.69 -17.66 14.52
C VAL A 112 18.91 -18.12 15.74
N LEU A 113 19.44 -17.80 16.91
CA LEU A 113 18.89 -18.31 18.14
C LEU A 113 18.45 -17.19 19.04
N GLN A 114 17.39 -17.43 19.78
CA GLN A 114 16.97 -16.50 20.80
C GLN A 114 17.89 -16.69 22.02
N THR A 115 19.04 -16.03 22.01
CA THR A 115 19.97 -16.04 23.13
C THR A 115 20.83 -14.79 23.10
N ASP A 116 21.45 -14.47 24.23
CA ASP A 116 22.38 -13.35 24.33
C ASP A 116 23.82 -13.84 24.38
N GLU A 117 24.00 -15.16 24.30
CA GLU A 117 25.35 -15.72 24.33
C GLU A 117 26.02 -15.62 22.97
N LYS A 118 27.35 -15.63 22.96
CA LYS A 118 28.12 -15.51 21.73
C LYS A 118 28.73 -16.86 21.38
N PHE A 119 28.09 -17.93 21.84
CA PHE A 119 28.46 -19.26 21.42
C PHE A 119 27.20 -20.09 21.40
N ILE A 120 27.20 -21.19 20.66
CA ILE A 120 26.06 -22.08 20.68
C ILE A 120 26.20 -23.10 21.79
N GLN A 121 25.18 -23.21 22.62
CA GLN A 121 25.16 -24.17 23.70
C GLN A 121 24.43 -25.43 23.28
N ASP A 122 24.79 -26.57 23.85
CA ASP A 122 24.18 -27.85 23.50
C ASP A 122 22.81 -28.10 24.12
N ASN A 123 22.12 -29.10 23.62
CA ASN A 123 20.85 -29.57 24.20
C ASN A 123 19.87 -28.47 24.64
N GLN A 124 19.67 -27.46 23.82
CA GLN A 124 18.69 -26.43 24.13
C GLN A 124 17.31 -26.83 23.63
N ASP A 125 16.28 -26.12 24.10
CA ASP A 125 14.92 -26.33 23.64
C ASP A 125 14.69 -25.53 22.36
N TRP A 126 15.03 -26.15 21.24
CA TRP A 126 15.07 -25.51 19.92
C TRP A 126 13.71 -25.03 19.46
N ASN A 127 12.67 -25.71 19.91
CA ASN A 127 11.32 -25.29 19.57
C ASN A 127 11.01 -23.90 20.10
N SER A 128 11.76 -23.47 21.10
CA SER A 128 11.67 -22.11 21.64
C SER A 128 12.83 -21.25 21.16
N VAL A 129 14.03 -21.82 21.20
CA VAL A 129 15.25 -21.06 20.98
C VAL A 129 15.58 -20.84 19.51
N LEU A 130 15.25 -21.80 18.66
CA LEU A 130 15.55 -21.64 17.25
C LEU A 130 14.53 -20.69 16.65
N LEU A 131 15.01 -19.56 16.16
CA LEU A 131 14.17 -18.61 15.46
C LEU A 131 14.12 -18.92 13.97
N GLY A 132 15.30 -19.10 13.36
CA GLY A 132 15.39 -19.36 11.94
C GLY A 132 16.76 -19.80 11.48
N THR A 133 16.86 -20.16 10.20
CA THR A 133 18.09 -20.62 9.58
C THR A 133 18.06 -20.32 8.08
N PHE A 134 19.22 -20.27 7.44
CA PHE A 134 19.27 -20.27 6.00
C PHE A 134 20.61 -20.80 5.50
N TYR A 135 20.68 -21.18 4.22
CA TYR A 135 21.93 -21.59 3.63
C TYR A 135 22.37 -20.51 2.65
N ILE A 136 23.65 -20.48 2.33
CA ILE A 136 24.16 -19.68 1.23
C ILE A 136 25.10 -20.56 0.42
N LYS A 137 24.92 -20.61 -0.89
CA LYS A 137 25.81 -21.37 -1.74
C LYS A 137 25.89 -20.63 -3.06
N PRO A 138 26.86 -20.95 -3.92
CA PRO A 138 26.89 -20.44 -5.28
C PRO A 138 25.67 -20.91 -6.05
N ASN A 139 25.02 -20.02 -6.78
CA ASN A 139 23.83 -20.40 -7.51
C ASN A 139 24.20 -21.09 -8.81
N TYR A 140 25.44 -20.90 -9.24
CA TYR A 140 25.91 -21.49 -10.49
C TYR A 140 27.30 -22.08 -10.38
N ALA A 141 27.70 -22.75 -11.47
CA ALA A 141 29.06 -23.25 -11.65
C ALA A 141 30.06 -22.10 -11.70
N PRO A 142 31.37 -22.40 -11.51
CA PRO A 142 32.49 -21.51 -11.20
C PRO A 142 32.55 -20.14 -11.90
N ARG A 143 32.35 -20.08 -13.22
CA ARG A 143 32.47 -18.79 -13.89
C ARG A 143 31.43 -17.81 -13.42
N CYS A 144 30.34 -18.33 -12.85
CA CYS A 144 29.26 -17.48 -12.38
C CYS A 144 29.04 -17.62 -10.89
N SER A 145 30.02 -18.20 -10.19
CA SER A 145 29.83 -18.61 -8.80
C SER A 145 29.88 -17.45 -7.82
N HIS A 146 30.10 -16.23 -8.31
CA HIS A 146 30.02 -15.07 -7.45
C HIS A 146 28.56 -14.68 -7.20
N ASN A 147 27.64 -15.33 -7.90
CA ASN A 147 26.23 -15.18 -7.61
C ASN A 147 25.88 -16.20 -6.54
N CYS A 148 25.34 -15.75 -5.41
CA CYS A 148 24.90 -16.71 -4.39
C CYS A 148 23.37 -16.90 -4.37
N ASN A 149 22.98 -18.12 -3.97
CA ASN A 149 21.59 -18.46 -3.71
C ASN A 149 21.43 -18.63 -2.20
N ALA A 150 20.23 -18.40 -1.69
CA ALA A 150 19.92 -18.64 -0.29
C ALA A 150 18.48 -19.17 -0.13
N GLY A 151 18.26 -20.04 0.85
CA GLY A 151 16.92 -20.46 1.21
C GLY A 151 16.71 -20.28 2.70
N PHE A 152 15.52 -19.84 3.09
CA PHE A 152 15.28 -19.48 4.48
C PHE A 152 14.16 -20.30 5.14
N LEU A 153 14.28 -20.51 6.45
CA LEU A 153 13.26 -21.16 7.24
C LEU A 153 13.05 -20.41 8.54
N VAL A 154 11.80 -20.19 8.90
CA VAL A 154 11.46 -19.64 10.19
C VAL A 154 10.70 -20.66 11.02
N ASN A 155 11.06 -20.78 12.29
CA ASN A 155 10.30 -21.59 13.23
C ASN A 155 8.87 -21.04 13.28
N GLY A 156 7.88 -21.91 13.11
CA GLY A 156 6.50 -21.47 13.14
C GLY A 156 6.05 -20.98 14.50
N ALA A 157 6.77 -21.40 15.54
CA ALA A 157 6.45 -20.98 16.90
C ALA A 157 6.78 -19.52 17.10
N HIS A 158 7.60 -18.97 16.21
CA HIS A 158 7.97 -17.57 16.28
C HIS A 158 7.41 -16.81 15.10
N ARG A 159 6.24 -17.24 14.65
CA ARG A 159 5.57 -16.56 13.57
C ARG A 159 5.13 -15.20 14.08
N GLY A 160 5.17 -14.20 13.22
CA GLY A 160 4.59 -12.91 13.53
C GLY A 160 5.52 -11.99 14.27
N GLN A 161 6.79 -12.38 14.33
CA GLN A 161 7.78 -11.60 15.06
C GLN A 161 8.82 -11.03 14.12
N LYS A 162 8.53 -11.06 12.82
CA LYS A 162 9.40 -10.47 11.80
C LYS A 162 10.80 -11.09 11.82
N VAL A 163 10.85 -12.40 12.05
CA VAL A 163 12.12 -13.11 12.05
C VAL A 163 12.71 -13.15 10.65
N GLY A 164 11.89 -13.45 9.66
CA GLY A 164 12.38 -13.55 8.29
C GLY A 164 13.05 -12.27 7.81
N TYR A 165 12.55 -11.11 8.22
CA TYR A 165 13.18 -9.87 7.82
C TYR A 165 14.60 -9.77 8.39
N ARG A 166 14.74 -10.12 9.66
CA ARG A 166 16.06 -10.10 10.30
C ARG A 166 16.99 -11.10 9.65
N LEU A 167 16.47 -12.26 9.29
CA LEU A 167 17.30 -13.26 8.63
C LEU A 167 17.89 -12.67 7.35
N ALA A 168 17.09 -11.89 6.64
CA ALA A 168 17.54 -11.28 5.41
C ALA A 168 18.64 -10.26 5.68
N GLN A 169 18.50 -9.49 6.73
CA GLN A 169 19.53 -8.51 7.05
C GLN A 169 20.86 -9.17 7.38
N VAL A 170 20.78 -10.28 8.10
CA VAL A 170 21.98 -11.05 8.39
C VAL A 170 22.62 -11.51 7.10
N TYR A 171 21.80 -12.04 6.21
CA TYR A 171 22.23 -12.46 4.88
C TYR A 171 22.96 -11.35 4.15
N LEU A 172 22.38 -10.16 4.15
CA LEU A 172 22.98 -9.02 3.48
C LEU A 172 24.31 -8.64 4.09
N ASN A 173 24.44 -8.81 5.40
CA ASN A 173 25.68 -8.53 6.10
C ASN A 173 26.77 -9.56 5.80
N TRP A 174 26.40 -10.82 5.68
CA TRP A 174 27.39 -11.90 5.65
C TRP A 174 27.75 -12.42 4.28
N ALA A 175 26.78 -12.46 3.36
CA ALA A 175 27.02 -13.01 2.03
C ALA A 175 28.24 -12.37 1.33
N PRO A 176 28.30 -11.04 1.30
CA PRO A 176 29.45 -10.38 0.68
C PRO A 176 30.76 -10.78 1.33
N LEU A 177 30.74 -11.02 2.63
CA LEU A 177 31.94 -11.40 3.37
C LEU A 177 32.54 -12.69 2.85
N LEU A 178 31.70 -13.52 2.26
CA LEU A 178 32.13 -14.81 1.74
C LEU A 178 32.67 -14.64 0.33
N GLY A 179 32.55 -13.45 -0.23
CA GLY A 179 33.08 -13.22 -1.56
C GLY A 179 32.02 -13.09 -2.63
N TYR A 180 30.75 -13.19 -2.26
CA TYR A 180 29.68 -13.07 -3.23
C TYR A 180 29.44 -11.62 -3.62
N LYS A 181 29.08 -11.40 -4.87
CA LYS A 181 28.91 -10.06 -5.40
C LYS A 181 27.47 -9.78 -5.78
N TYR A 182 26.67 -10.83 -5.90
CA TYR A 182 25.30 -10.66 -6.30
C TYR A 182 24.47 -11.82 -5.76
N SER A 183 23.19 -11.57 -5.47
CA SER A 183 22.31 -12.57 -4.89
C SER A 183 21.17 -12.98 -5.82
N ILE A 184 20.96 -14.28 -5.99
CA ILE A 184 19.87 -14.77 -6.85
C ILE A 184 18.94 -15.68 -6.07
N PHE A 185 17.65 -15.38 -6.08
CA PHE A 185 16.65 -16.35 -5.70
C PHE A 185 15.89 -16.74 -6.96
N ASN A 186 15.98 -18.01 -7.31
CA ASN A 186 15.46 -18.50 -8.57
C ASN A 186 13.96 -18.68 -8.55
N LEU A 187 13.41 -19.01 -7.39
CA LEU A 187 11.98 -19.25 -7.24
C LEU A 187 11.43 -18.65 -5.96
N VAL A 188 10.77 -17.51 -6.06
CA VAL A 188 9.97 -17.04 -4.94
C VAL A 188 8.50 -16.90 -5.35
N PHE A 189 7.64 -17.79 -4.85
CA PHE A 189 6.25 -17.81 -5.24
C PHE A 189 5.51 -16.57 -4.79
N VAL A 190 4.75 -16.00 -5.71
CA VAL A 190 3.97 -14.79 -5.49
C VAL A 190 3.05 -14.92 -4.28
N THR A 191 2.71 -16.14 -3.94
CA THR A 191 1.83 -16.42 -2.83
C THR A 191 2.63 -16.45 -1.56
N ASN A 192 3.95 -16.35 -1.70
CA ASN A 192 4.82 -16.32 -0.55
C ASN A 192 4.95 -14.88 -0.05
N GLN A 193 4.47 -14.64 1.16
CA GLN A 193 4.39 -13.30 1.69
C GLN A 193 5.77 -12.68 1.92
N ALA A 194 6.82 -13.50 1.88
CA ALA A 194 8.18 -12.96 1.99
C ALA A 194 8.51 -12.04 0.84
N SER A 195 7.89 -12.27 -0.30
CA SER A 195 8.11 -11.44 -1.47
C SER A 195 7.90 -9.96 -1.11
N TRP A 196 6.76 -9.63 -0.53
CA TRP A 196 6.43 -8.24 -0.34
C TRP A 196 6.76 -7.82 1.08
N LYS A 197 6.72 -8.75 2.02
CA LYS A 197 7.10 -8.44 3.39
C LYS A 197 8.58 -8.15 3.55
N ILE A 198 9.41 -8.81 2.75
CA ILE A 198 10.84 -8.78 2.97
C ILE A 198 11.61 -8.36 1.73
N TRP A 199 11.57 -9.16 0.69
CA TRP A 199 12.49 -8.94 -0.42
C TRP A 199 12.24 -7.60 -1.05
N ASP A 200 10.98 -7.25 -1.27
CA ASP A 200 10.69 -5.96 -1.85
C ASP A 200 11.10 -4.83 -0.92
N LYS A 201 10.89 -5.03 0.38
CA LYS A 201 11.20 -4.03 1.38
C LYS A 201 12.68 -3.75 1.46
N LEU A 202 13.51 -4.74 1.15
CA LEU A 202 14.96 -4.61 1.28
C LEU A 202 15.58 -4.20 -0.04
N ASN A 203 14.73 -3.89 -1.01
CA ASN A 203 15.18 -3.52 -2.34
C ASN A 203 15.92 -4.64 -3.08
N PHE A 204 15.36 -5.84 -3.02
CA PHE A 204 15.70 -6.90 -3.96
C PHE A 204 14.87 -6.68 -5.20
N GLN A 205 15.52 -6.63 -6.36
CA GLN A 205 14.81 -6.42 -7.61
C GLN A 205 14.16 -7.70 -8.07
N ARG A 206 12.93 -7.59 -8.56
CA ARG A 206 12.30 -8.66 -9.31
C ARG A 206 12.89 -8.65 -10.71
N ILE A 207 13.94 -9.41 -10.93
CA ILE A 207 14.64 -9.37 -12.19
C ILE A 207 14.00 -10.32 -13.20
N GLY A 208 13.01 -11.08 -12.76
CA GLY A 208 12.30 -11.93 -13.67
C GLY A 208 11.05 -12.52 -13.08
N LEU A 209 10.25 -13.13 -13.94
CA LEU A 209 9.06 -13.83 -13.48
C LEU A 209 8.84 -15.08 -14.33
N VAL A 210 8.53 -16.17 -13.66
CA VAL A 210 8.20 -17.41 -14.34
C VAL A 210 6.71 -17.70 -14.16
N PRO A 211 5.97 -17.70 -15.27
CA PRO A 211 4.52 -17.88 -15.17
C PRO A 211 4.14 -19.32 -14.84
N HIS A 212 3.18 -19.50 -13.94
CA HIS A 212 2.65 -20.83 -13.68
C HIS A 212 3.75 -21.78 -13.24
N ALA A 213 4.78 -21.22 -12.60
CA ALA A 213 5.98 -21.96 -12.26
C ALA A 213 5.73 -23.21 -11.44
N GLY A 214 4.82 -23.13 -10.47
CA GLY A 214 4.75 -24.17 -9.47
C GLY A 214 3.35 -24.69 -9.23
N ILE A 215 3.25 -26.00 -9.09
CA ILE A 215 2.02 -26.63 -8.63
C ILE A 215 2.10 -26.70 -7.11
N LEU A 216 1.22 -25.96 -6.43
CA LEU A 216 1.32 -25.85 -4.98
C LEU A 216 0.11 -26.43 -4.24
N ASN A 217 0.35 -26.93 -3.05
CA ASN A 217 -0.72 -27.46 -2.22
C ASN A 217 -1.72 -26.38 -1.83
N GLY A 218 -3.00 -26.57 -2.16
CA GLY A 218 -4.04 -25.63 -1.77
C GLY A 218 -4.37 -24.57 -2.80
N PHE A 219 -3.74 -24.68 -3.97
CA PHE A 219 -3.98 -23.76 -5.08
C PHE A 219 -4.41 -24.51 -6.32
N SER A 220 -5.57 -24.17 -6.85
CA SER A 220 -6.15 -24.90 -7.97
C SER A 220 -5.26 -24.75 -9.20
N GLU A 221 -4.88 -23.50 -9.48
CA GLU A 221 -4.05 -23.17 -10.62
C GLU A 221 -2.56 -23.05 -10.23
N PRO A 222 -1.65 -23.18 -11.20
CA PRO A 222 -0.20 -23.03 -11.02
C PRO A 222 0.19 -21.62 -10.61
N VAL A 223 1.18 -21.52 -9.73
CA VAL A 223 1.53 -20.24 -9.15
C VAL A 223 2.79 -19.69 -9.77
N ASP A 224 2.73 -18.43 -10.18
CA ASP A 224 3.85 -17.71 -10.72
C ASP A 224 4.96 -17.61 -9.71
N ALA A 225 6.18 -17.43 -10.18
CA ALA A 225 7.31 -17.30 -9.27
C ALA A 225 8.17 -16.11 -9.68
N ILE A 226 8.65 -15.38 -8.69
CA ILE A 226 9.52 -14.24 -8.94
C ILE A 226 10.97 -14.69 -8.87
N ILE A 227 11.79 -14.07 -9.70
CA ILE A 227 13.22 -14.22 -9.60
C ILE A 227 13.81 -12.94 -9.04
N TYR A 228 14.43 -13.00 -7.87
CA TYR A 228 14.97 -11.82 -7.21
C TYR A 228 16.48 -11.71 -7.32
N GLY A 229 16.97 -10.51 -7.57
CA GLY A 229 18.39 -10.28 -7.59
C GLY A 229 18.74 -9.08 -6.75
N LYS A 230 19.98 -9.04 -6.28
CA LYS A 230 20.47 -7.85 -5.62
C LYS A 230 21.98 -7.79 -5.71
N ASP A 231 22.48 -6.58 -5.91
CA ASP A 231 23.90 -6.30 -5.90
C ASP A 231 24.43 -6.25 -4.47
N LEU A 232 25.35 -7.14 -4.13
CA LEU A 232 25.87 -7.25 -2.77
C LEU A 232 27.07 -6.34 -2.54
N THR A 233 27.43 -5.55 -3.54
CA THR A 233 28.51 -4.58 -3.40
C THR A 233 28.01 -3.17 -3.14
N LYS A 234 26.71 -2.97 -3.34
CA LYS A 234 26.12 -1.64 -3.22
C LYS A 234 24.84 -1.73 -2.40
N ILE A 235 24.98 -2.12 -1.14
CA ILE A 235 23.83 -2.33 -0.26
C ILE A 235 23.56 -1.11 0.62
N GLU A 236 22.28 -0.85 0.85
CA GLU A 236 21.81 0.29 1.65
C GLU A 236 22.12 0.09 3.13
N PRO A 237 22.97 0.95 3.72
CA PRO A 237 23.32 0.84 5.14
C PRO A 237 22.09 0.76 6.02
N GLU A 238 21.02 1.46 5.64
CA GLU A 238 19.77 1.37 6.36
C GLU A 238 19.39 -0.09 6.56
N PHE A 239 19.61 -0.91 5.54
CA PHE A 239 19.18 -2.30 5.57
C PHE A 239 20.19 -3.14 6.34
N LEU A 240 21.44 -2.71 6.36
CA LEU A 240 22.49 -3.45 7.03
C LEU A 240 22.42 -3.27 8.53
N SER A 241 21.91 -2.13 9.00
CA SER A 241 21.89 -1.84 10.43
C SER A 241 20.81 -2.59 11.21
N MET A 242 21.20 -3.24 12.29
CA MET A 242 20.30 -4.10 13.04
C MET A 242 19.77 -3.40 14.28
N GLU A 243 20.40 -2.28 14.64
CA GLU A 243 19.96 -1.53 15.81
C GLU A 243 18.79 -0.67 15.34
N SER B 19 -32.52 2.93 -30.99
CA SER B 19 -31.88 4.11 -30.46
C SER B 19 -30.39 3.89 -30.18
N ILE B 20 -29.63 4.97 -30.17
CA ILE B 20 -28.20 4.94 -29.86
C ILE B 20 -27.86 5.69 -28.57
N GLU B 21 -28.87 6.25 -27.90
CA GLU B 21 -28.62 7.09 -26.72
C GLU B 21 -27.76 6.38 -25.68
N TRP B 22 -27.88 5.07 -25.60
CA TRP B 22 -27.14 4.33 -24.60
C TRP B 22 -25.63 4.27 -24.89
N LYS B 23 -25.21 4.79 -26.03
CA LYS B 23 -23.79 4.76 -26.41
C LYS B 23 -23.20 6.15 -26.52
N LEU B 24 -24.02 7.18 -26.28
CA LEU B 24 -23.61 8.55 -26.51
C LEU B 24 -22.84 9.11 -25.34
N THR B 25 -21.64 9.61 -25.64
CA THR B 25 -20.81 10.25 -24.65
C THR B 25 -21.45 11.52 -24.15
N ALA B 26 -22.40 12.05 -24.92
CA ALA B 26 -23.12 13.25 -24.53
C ALA B 26 -23.84 12.98 -23.24
N ASN B 27 -24.10 11.71 -22.96
CA ASN B 27 -24.81 11.32 -21.76
C ASN B 27 -23.87 10.93 -20.62
N LEU B 28 -22.61 11.31 -20.72
CA LEU B 28 -21.66 11.04 -19.65
C LEU B 28 -21.97 11.86 -18.41
N ARG B 29 -22.25 11.17 -17.30
CA ARG B 29 -22.53 11.82 -16.02
C ARG B 29 -21.29 11.91 -15.14
N ASN B 30 -21.11 13.07 -14.52
CA ASN B 30 -20.05 13.23 -13.53
C ASN B 30 -18.69 12.80 -14.09
N GLY B 31 -18.34 13.31 -15.27
CA GLY B 31 -17.05 12.99 -15.86
C GLY B 31 -16.07 14.12 -15.61
N PRO B 32 -15.02 14.19 -16.41
CA PRO B 32 -13.97 15.22 -16.33
C PRO B 32 -14.54 16.60 -16.59
N THR B 33 -14.04 17.58 -15.87
CA THR B 33 -14.62 18.90 -15.94
C THR B 33 -13.93 19.75 -16.98
N PHE B 34 -12.68 19.41 -17.29
CA PHE B 34 -11.89 20.23 -18.18
C PHE B 34 -11.72 19.65 -19.57
N PHE B 35 -12.04 18.37 -19.74
CA PHE B 35 -11.85 17.75 -21.04
C PHE B 35 -13.08 17.09 -21.64
N GLN B 36 -13.25 17.31 -22.93
CA GLN B 36 -14.34 16.71 -23.66
C GLN B 36 -14.00 15.30 -24.11
N PRO B 37 -15.04 14.47 -24.32
CA PRO B 37 -14.83 13.15 -24.92
C PRO B 37 -14.20 13.30 -26.28
N LEU B 38 -13.51 12.26 -26.73
CA LEU B 38 -12.84 12.26 -28.01
C LEU B 38 -13.73 11.65 -29.09
N ALA B 39 -14.79 10.96 -28.65
CA ALA B 39 -15.71 10.31 -29.56
C ALA B 39 -17.12 10.76 -29.26
N ASP B 40 -18.02 10.63 -30.23
CA ASP B 40 -19.41 10.96 -30.02
C ASP B 40 -20.15 9.75 -29.49
N SER B 41 -19.52 8.59 -29.61
CA SER B 41 -20.12 7.34 -29.18
C SER B 41 -19.09 6.33 -28.74
N ILE B 42 -19.51 5.40 -27.88
CA ILE B 42 -18.71 4.22 -27.55
C ILE B 42 -19.39 3.03 -28.20
N GLU B 43 -18.76 2.44 -29.21
CA GLU B 43 -19.32 1.23 -29.80
C GLU B 43 -18.84 0.01 -29.01
N PRO B 44 -19.71 -0.99 -28.84
CA PRO B 44 -19.39 -2.23 -28.13
C PRO B 44 -18.15 -2.90 -28.68
N LEU B 45 -17.30 -3.39 -27.80
CA LEU B 45 -16.02 -3.96 -28.17
C LEU B 45 -16.10 -5.48 -28.18
N GLN B 46 -15.83 -6.06 -29.35
CA GLN B 46 -15.92 -7.50 -29.52
C GLN B 46 -14.54 -8.11 -29.67
N PHE B 47 -14.33 -9.22 -28.98
CA PHE B 47 -13.03 -9.88 -28.98
C PHE B 47 -13.21 -11.30 -28.51
N LYS B 48 -12.14 -12.09 -28.56
CA LYS B 48 -12.20 -13.45 -28.04
C LYS B 48 -11.39 -13.57 -26.76
N LEU B 49 -11.86 -14.43 -25.87
CA LEU B 49 -11.11 -14.69 -24.65
C LEU B 49 -9.72 -15.14 -25.03
N ILE B 50 -8.79 -14.93 -24.11
CA ILE B 50 -7.41 -15.29 -24.35
C ILE B 50 -7.27 -16.80 -24.52
N GLY B 51 -6.72 -17.20 -25.67
CA GLY B 51 -6.52 -18.59 -26.00
C GLY B 51 -7.82 -19.34 -26.18
N SER B 52 -8.76 -18.74 -26.90
CA SER B 52 -10.07 -19.36 -27.13
C SER B 52 -10.73 -18.88 -28.42
N ASP B 53 -11.76 -19.59 -28.87
CA ASP B 53 -12.54 -19.16 -30.02
C ASP B 53 -13.82 -18.53 -29.49
N THR B 54 -13.87 -18.35 -28.17
CA THR B 54 -15.07 -17.85 -27.51
C THR B 54 -15.09 -16.34 -27.49
N VAL B 55 -16.25 -15.80 -27.87
CA VAL B 55 -16.37 -14.39 -28.18
C VAL B 55 -16.99 -13.64 -27.01
N ALA B 56 -16.45 -12.45 -26.76
CA ALA B 56 -16.93 -11.58 -25.70
C ALA B 56 -17.14 -10.19 -26.27
N THR B 57 -18.09 -9.46 -25.71
CA THR B 57 -18.32 -8.07 -26.11
C THR B 57 -18.40 -7.14 -24.90
N ALA B 58 -17.77 -5.98 -24.99
CA ALA B 58 -17.77 -5.01 -23.89
C ALA B 58 -18.79 -3.93 -24.20
N PHE B 59 -19.60 -3.57 -23.21
CA PHE B 59 -20.64 -2.58 -23.39
C PHE B 59 -20.45 -1.39 -22.49
N PRO B 60 -20.75 -0.20 -23.02
CA PRO B 60 -20.71 0.99 -22.17
C PRO B 60 -21.99 1.12 -21.38
N VAL B 61 -21.89 1.74 -20.22
CA VAL B 61 -23.06 1.96 -19.38
C VAL B 61 -23.02 3.38 -18.87
N PHE B 62 -23.79 4.24 -19.53
CA PHE B 62 -23.83 5.65 -19.16
C PHE B 62 -24.90 5.90 -18.12
N ASP B 63 -25.89 5.00 -18.07
CA ASP B 63 -26.97 5.10 -17.12
C ASP B 63 -27.57 3.72 -16.90
N THR B 64 -28.02 3.46 -15.68
CA THR B 64 -28.50 2.14 -15.32
C THR B 64 -29.77 1.77 -16.05
N LYS B 65 -30.50 2.78 -16.50
CA LYS B 65 -31.80 2.50 -17.06
C LYS B 65 -31.64 1.78 -18.39
N TYR B 66 -30.44 1.85 -18.95
CA TYR B 66 -30.15 1.22 -20.22
C TYR B 66 -29.79 -0.25 -20.06
N ILE B 67 -29.67 -0.72 -18.83
CA ILE B 67 -29.32 -2.10 -18.62
C ILE B 67 -30.40 -2.82 -17.81
N PRO B 68 -30.55 -4.14 -18.04
CA PRO B 68 -31.61 -4.94 -17.44
C PRO B 68 -31.46 -5.02 -15.95
N ASP B 69 -32.56 -4.93 -15.23
CA ASP B 69 -32.50 -4.95 -13.78
C ASP B 69 -31.85 -6.23 -13.26
N SER B 70 -32.11 -7.34 -13.93
CA SER B 70 -31.63 -8.63 -13.47
C SER B 70 -30.12 -8.59 -13.36
N LEU B 71 -29.50 -7.93 -14.31
CA LEU B 71 -28.07 -7.82 -14.33
C LEU B 71 -27.60 -6.96 -13.17
N ILE B 72 -28.27 -5.83 -12.99
N ILE B 72 -28.26 -5.83 -12.99
CA ILE B 72 -27.96 -4.91 -11.90
CA ILE B 72 -27.90 -4.92 -11.93
C ILE B 72 -27.88 -5.67 -10.59
C ILE B 72 -27.90 -5.66 -10.59
N ASN B 73 -28.92 -6.46 -10.35
CA ASN B 73 -29.05 -7.19 -9.08
C ASN B 73 -28.03 -8.29 -8.95
N TYR B 74 -27.58 -8.80 -10.08
CA TYR B 74 -26.58 -9.85 -10.05
C TYR B 74 -25.23 -9.27 -9.66
N LEU B 75 -24.91 -8.13 -10.26
CA LEU B 75 -23.64 -7.48 -10.05
C LEU B 75 -23.56 -6.95 -8.63
N PHE B 76 -24.72 -6.55 -8.13
CA PHE B 76 -24.84 -6.04 -6.78
C PHE B 76 -24.45 -7.16 -5.84
N LYS B 77 -25.04 -8.32 -6.08
CA LYS B 77 -24.70 -9.53 -5.35
C LYS B 77 -23.23 -9.83 -5.46
N LEU B 78 -22.74 -9.76 -6.69
CA LEU B 78 -21.37 -10.10 -6.98
C LEU B 78 -20.40 -9.29 -6.13
N PHE B 79 -20.56 -7.96 -6.16
CA PHE B 79 -19.66 -7.06 -5.46
C PHE B 79 -19.64 -7.40 -3.98
N ASN B 80 -20.82 -7.64 -3.43
CA ASN B 80 -20.93 -7.89 -2.00
C ASN B 80 -20.22 -9.16 -1.59
N LEU B 81 -20.41 -10.23 -2.34
CA LEU B 81 -19.63 -11.44 -2.13
C LEU B 81 -18.14 -11.09 -2.10
N GLU B 82 -17.71 -10.34 -3.10
CA GLU B 82 -16.32 -9.92 -3.20
C GLU B 82 -15.92 -9.12 -1.98
N ILE B 83 -16.91 -8.45 -1.37
CA ILE B 83 -16.64 -7.67 -0.20
C ILE B 83 -16.54 -8.61 1.00
N GLU B 84 -17.41 -9.60 1.04
CA GLU B 84 -17.40 -10.57 2.12
C GLU B 84 -16.05 -11.26 2.19
N SER B 85 -15.49 -11.62 1.04
CA SER B 85 -14.21 -12.33 0.99
C SER B 85 -13.16 -11.56 1.77
N GLY B 86 -13.33 -10.24 1.84
CA GLY B 86 -12.45 -9.40 2.64
C GLY B 86 -10.98 -9.53 2.30
N LYS B 87 -10.64 -9.53 1.01
CA LYS B 87 -9.24 -9.58 0.62
C LYS B 87 -8.84 -8.61 -0.49
N THR B 88 -9.80 -7.92 -1.08
CA THR B 88 -9.54 -7.17 -2.30
C THR B 88 -10.05 -5.72 -2.24
N TYR B 89 -11.21 -5.52 -1.60
CA TYR B 89 -11.78 -4.19 -1.37
C TYR B 89 -11.77 -3.78 0.13
N PRO B 90 -11.54 -2.47 0.41
CA PRO B 90 -11.38 -1.84 1.74
C PRO B 90 -12.67 -1.70 2.53
N GLN B 91 -13.78 -1.97 1.86
CA GLN B 91 -15.07 -2.01 2.53
C GLN B 91 -15.06 -3.17 3.47
N LEU B 92 -15.72 -3.00 4.60
CA LEU B 92 -15.86 -4.09 5.54
C LEU B 92 -17.23 -4.73 5.37
N HIS B 93 -18.24 -3.90 5.18
CA HIS B 93 -19.61 -4.36 5.16
C HIS B 93 -20.19 -4.34 3.75
N SER B 94 -21.26 -5.11 3.57
N SER B 94 -21.25 -5.10 3.56
CA SER B 94 -21.95 -5.19 2.29
CA SER B 94 -21.93 -5.19 2.28
C SER B 94 -22.85 -3.98 2.06
C SER B 94 -22.84 -3.99 2.05
N LEU B 95 -22.86 -3.50 0.82
CA LEU B 95 -23.69 -2.35 0.44
C LEU B 95 -25.18 -2.66 0.35
N THR B 96 -25.97 -1.61 0.49
CA THR B 96 -27.38 -1.68 0.14
C THR B 96 -27.44 -1.46 -1.35
N LYS B 97 -28.59 -1.79 -1.93
CA LYS B 97 -28.77 -1.69 -3.36
C LYS B 97 -28.45 -0.28 -3.82
N GLN B 98 -28.94 0.70 -3.08
CA GLN B 98 -28.78 2.09 -3.48
C GLN B 98 -27.34 2.55 -3.34
N GLY B 99 -26.64 2.03 -2.34
CA GLY B 99 -25.25 2.38 -2.15
C GLY B 99 -24.43 1.86 -3.30
N PHE B 100 -24.72 0.64 -3.70
CA PHE B 100 -24.02 0.00 -4.80
C PHE B 100 -24.20 0.80 -6.08
N LEU B 101 -25.46 1.13 -6.38
CA LEU B 101 -25.77 1.93 -7.55
C LEU B 101 -24.92 3.18 -7.57
N ASN B 102 -24.86 3.88 -6.43
CA ASN B 102 -24.12 5.14 -6.34
C ASN B 102 -22.63 4.95 -6.47
N TYR B 103 -22.18 3.77 -6.06
CA TYR B 103 -20.77 3.44 -6.11
C TYR B 103 -20.35 3.11 -7.53
N TRP B 104 -20.98 2.09 -8.10
CA TRP B 104 -20.54 1.56 -9.37
C TRP B 104 -20.95 2.44 -10.55
N PHE B 105 -22.13 3.04 -10.45
CA PHE B 105 -22.64 3.86 -11.54
C PHE B 105 -22.65 5.34 -11.21
N HIS B 106 -21.66 5.78 -10.46
CA HIS B 106 -21.54 7.19 -10.19
C HIS B 106 -21.34 7.94 -11.50
N SER B 107 -20.57 7.35 -12.40
CA SER B 107 -20.25 8.02 -13.64
C SER B 107 -20.41 7.01 -14.76
N PHE B 108 -19.32 6.39 -15.17
CA PHE B 108 -19.37 5.45 -16.26
C PHE B 108 -19.09 4.04 -15.75
N ALA B 109 -19.58 3.04 -16.47
CA ALA B 109 -19.32 1.67 -16.11
C ALA B 109 -19.31 0.84 -17.37
N VAL B 110 -18.82 -0.38 -17.28
CA VAL B 110 -18.79 -1.26 -18.42
C VAL B 110 -19.19 -2.64 -18.00
N VAL B 111 -19.91 -3.34 -18.85
CA VAL B 111 -20.15 -4.75 -18.64
C VAL B 111 -19.64 -5.54 -19.82
N VAL B 112 -19.01 -6.66 -19.51
CA VAL B 112 -18.44 -7.50 -20.54
C VAL B 112 -19.12 -8.85 -20.51
N LEU B 113 -19.66 -9.24 -21.64
CA LEU B 113 -20.52 -10.41 -21.71
C LEU B 113 -19.97 -11.40 -22.70
N GLN B 114 -20.30 -12.66 -22.50
CA GLN B 114 -19.93 -13.67 -23.45
C GLN B 114 -21.03 -13.73 -24.49
N THR B 115 -20.85 -12.96 -25.56
CA THR B 115 -21.84 -12.86 -26.63
C THR B 115 -21.22 -12.07 -27.76
N ASP B 116 -21.82 -12.17 -28.93
CA ASP B 116 -21.35 -11.43 -30.08
C ASP B 116 -22.37 -10.37 -30.42
N GLU B 117 -23.47 -10.32 -29.66
CA GLU B 117 -24.50 -9.31 -29.88
C GLU B 117 -23.86 -7.95 -29.72
N LYS B 118 -24.38 -6.97 -30.44
CA LYS B 118 -23.91 -5.60 -30.26
C LYS B 118 -24.93 -4.83 -29.40
N PHE B 119 -25.68 -5.56 -28.58
CA PHE B 119 -26.55 -4.95 -27.60
C PHE B 119 -26.87 -5.92 -26.46
N ILE B 120 -27.21 -5.37 -25.30
CA ILE B 120 -27.40 -6.16 -24.10
C ILE B 120 -28.83 -6.69 -24.00
N GLN B 121 -28.99 -8.00 -24.18
CA GLN B 121 -30.30 -8.64 -24.11
C GLN B 121 -30.80 -8.75 -22.68
N ASP B 122 -32.11 -8.76 -22.51
CA ASP B 122 -32.69 -8.90 -21.17
C ASP B 122 -32.64 -10.33 -20.67
N ASN B 123 -33.02 -10.52 -19.41
CA ASN B 123 -33.16 -11.84 -18.79
C ASN B 123 -32.19 -12.93 -19.28
N GLN B 124 -30.90 -12.63 -19.30
CA GLN B 124 -29.90 -13.63 -19.61
C GLN B 124 -29.46 -14.35 -18.32
N ASP B 125 -28.84 -15.51 -18.48
CA ASP B 125 -28.26 -16.24 -17.35
C ASP B 125 -26.88 -15.68 -17.03
N TRP B 126 -26.84 -14.70 -16.14
CA TRP B 126 -25.63 -13.93 -15.89
C TRP B 126 -24.61 -14.75 -15.13
N ASN B 127 -25.08 -15.70 -14.33
CA ASN B 127 -24.17 -16.60 -13.65
C ASN B 127 -23.18 -17.11 -14.68
N SER B 128 -23.69 -17.35 -15.89
CA SER B 128 -22.90 -17.90 -16.98
C SER B 128 -22.42 -16.85 -17.97
N VAL B 129 -23.28 -15.90 -18.31
CA VAL B 129 -22.97 -14.92 -19.37
C VAL B 129 -22.04 -13.79 -18.93
N LEU B 130 -22.14 -13.34 -17.68
CA LEU B 130 -21.29 -12.24 -17.22
C LEU B 130 -19.85 -12.67 -17.05
N LEU B 131 -18.97 -11.97 -17.73
CA LEU B 131 -17.54 -12.20 -17.60
C LEU B 131 -17.01 -11.29 -16.51
N GLY B 132 -17.18 -9.99 -16.70
CA GLY B 132 -16.79 -9.04 -15.68
C GLY B 132 -17.39 -7.67 -15.89
N THR B 133 -17.09 -6.76 -14.96
CA THR B 133 -17.51 -5.38 -15.07
C THR B 133 -16.53 -4.50 -14.35
N PHE B 134 -16.56 -3.21 -14.66
CA PHE B 134 -15.81 -2.26 -13.89
C PHE B 134 -16.40 -0.86 -14.07
N TYR B 135 -16.03 0.05 -13.18
CA TYR B 135 -16.53 1.39 -13.26
C TYR B 135 -15.39 2.28 -13.72
N ILE B 136 -15.71 3.48 -14.17
CA ILE B 136 -14.71 4.50 -14.40
C ILE B 136 -15.24 5.84 -13.89
N LYS B 137 -14.46 6.52 -13.07
CA LYS B 137 -14.84 7.83 -12.61
C LYS B 137 -13.60 8.69 -12.41
N PRO B 138 -13.79 10.01 -12.26
CA PRO B 138 -12.66 10.86 -11.87
C PRO B 138 -12.15 10.42 -10.50
N ASN B 139 -10.83 10.43 -10.30
CA ASN B 139 -10.27 10.02 -9.03
C ASN B 139 -10.20 11.19 -8.07
N TYR B 140 -10.20 12.41 -8.61
CA TYR B 140 -10.16 13.63 -7.81
C TYR B 140 -11.18 14.66 -8.25
N ALA B 141 -11.32 15.70 -7.43
CA ALA B 141 -12.09 16.90 -7.77
C ALA B 141 -11.60 17.53 -9.09
N PRO B 142 -12.44 18.37 -9.73
CA PRO B 142 -12.35 18.94 -11.09
C PRO B 142 -10.97 19.31 -11.62
N ARG B 143 -10.18 20.06 -10.87
CA ARG B 143 -8.88 20.48 -11.37
C ARG B 143 -8.01 19.28 -11.71
N CYS B 144 -8.34 18.14 -11.11
CA CYS B 144 -7.56 16.93 -11.28
C CYS B 144 -8.48 15.81 -11.75
N SER B 145 -9.55 16.17 -12.44
CA SER B 145 -10.55 15.21 -12.89
C SER B 145 -10.14 14.46 -14.15
N HIS B 146 -8.98 14.78 -14.71
CA HIS B 146 -8.50 14.05 -15.88
C HIS B 146 -7.80 12.75 -15.45
N ASN B 147 -7.63 12.57 -14.15
CA ASN B 147 -7.16 11.32 -13.62
C ASN B 147 -8.38 10.48 -13.29
N CYS B 148 -8.45 9.25 -13.77
CA CYS B 148 -9.64 8.47 -13.54
C CYS B 148 -9.29 7.33 -12.62
N ASN B 149 -10.30 6.81 -11.94
CA ASN B 149 -10.14 5.62 -11.14
C ASN B 149 -11.01 4.52 -11.75
N ALA B 150 -10.68 3.25 -11.50
CA ALA B 150 -11.51 2.14 -11.95
C ALA B 150 -11.43 0.96 -10.99
N GLY B 151 -12.52 0.22 -10.83
CA GLY B 151 -12.50 -0.97 -9.99
C GLY B 151 -13.16 -2.13 -10.72
N PHE B 152 -12.54 -3.29 -10.67
CA PHE B 152 -12.93 -4.38 -11.54
C PHE B 152 -13.52 -5.55 -10.79
N LEU B 153 -14.42 -6.28 -11.43
CA LEU B 153 -14.95 -7.47 -10.84
C LEU B 153 -15.01 -8.55 -11.89
N VAL B 154 -14.72 -9.77 -11.48
CA VAL B 154 -14.82 -10.90 -12.37
C VAL B 154 -15.76 -11.89 -11.73
N ASN B 155 -16.54 -12.57 -12.55
CA ASN B 155 -17.44 -13.59 -12.06
C ASN B 155 -16.62 -14.80 -11.63
N GLY B 156 -16.81 -15.26 -10.40
CA GLY B 156 -16.07 -16.39 -9.86
C GLY B 156 -16.17 -17.61 -10.76
N ALA B 157 -17.31 -17.72 -11.44
CA ALA B 157 -17.56 -18.82 -12.37
C ALA B 157 -16.61 -18.77 -13.57
N HIS B 158 -15.92 -17.65 -13.73
CA HIS B 158 -15.03 -17.48 -14.87
C HIS B 158 -13.62 -17.19 -14.41
N ARG B 159 -13.28 -17.72 -13.23
CA ARG B 159 -11.91 -17.72 -12.76
C ARG B 159 -11.11 -18.64 -13.67
N GLY B 160 -9.97 -18.16 -14.12
CA GLY B 160 -9.02 -19.00 -14.84
C GLY B 160 -9.11 -18.87 -16.34
N GLN B 161 -9.66 -17.74 -16.81
CA GLN B 161 -9.85 -17.52 -18.24
C GLN B 161 -9.29 -16.19 -18.73
N LYS B 162 -8.53 -15.52 -17.86
CA LYS B 162 -7.81 -14.29 -18.19
C LYS B 162 -8.75 -13.12 -18.49
N VAL B 163 -9.96 -13.19 -17.92
CA VAL B 163 -10.97 -12.16 -18.14
C VAL B 163 -10.41 -10.80 -17.76
N GLY B 164 -10.06 -10.64 -16.48
CA GLY B 164 -9.64 -9.36 -15.95
C GLY B 164 -8.61 -8.67 -16.82
N TYR B 165 -7.76 -9.48 -17.45
CA TYR B 165 -6.73 -8.95 -18.30
C TYR B 165 -7.40 -8.21 -19.47
N ARG B 166 -8.47 -8.81 -19.97
CA ARG B 166 -9.18 -8.21 -21.08
C ARG B 166 -9.85 -6.94 -20.57
N LEU B 167 -10.53 -7.06 -19.42
CA LEU B 167 -11.21 -5.92 -18.84
C LEU B 167 -10.27 -4.74 -18.89
N ALA B 168 -9.04 -4.94 -18.47
CA ALA B 168 -8.09 -3.85 -18.41
C ALA B 168 -7.84 -3.30 -19.81
N GLN B 169 -7.97 -4.15 -20.81
CA GLN B 169 -7.68 -3.73 -22.17
C GLN B 169 -8.77 -2.80 -22.68
N VAL B 170 -10.01 -3.19 -22.42
CA VAL B 170 -11.15 -2.37 -22.74
C VAL B 170 -10.96 -1.00 -22.09
N TYR B 171 -10.72 -1.04 -20.79
CA TYR B 171 -10.48 0.15 -19.99
C TYR B 171 -9.51 1.08 -20.69
N LEU B 172 -8.44 0.50 -21.22
CA LEU B 172 -7.38 1.26 -21.85
C LEU B 172 -7.84 1.89 -23.15
N ASN B 173 -8.77 1.23 -23.82
CA ASN B 173 -9.30 1.76 -25.06
C ASN B 173 -10.30 2.87 -24.84
N TRP B 174 -11.17 2.67 -23.85
CA TRP B 174 -12.33 3.52 -23.69
C TRP B 174 -12.08 4.71 -22.76
N ALA B 175 -11.44 4.45 -21.62
CA ALA B 175 -11.27 5.51 -20.63
C ALA B 175 -10.82 6.83 -21.28
N PRO B 176 -9.86 6.76 -22.20
CA PRO B 176 -9.39 7.96 -22.89
C PRO B 176 -10.48 8.62 -23.73
N LEU B 177 -11.44 7.83 -24.20
CA LEU B 177 -12.50 8.34 -25.07
C LEU B 177 -13.42 9.26 -24.30
N LEU B 178 -13.47 9.05 -22.99
CA LEU B 178 -14.32 9.85 -22.15
C LEU B 178 -13.63 11.16 -21.78
N GLY B 179 -12.36 11.29 -22.14
CA GLY B 179 -11.64 12.52 -21.87
C GLY B 179 -10.56 12.38 -20.81
N TYR B 180 -10.37 11.18 -20.27
CA TYR B 180 -9.32 10.96 -19.28
C TYR B 180 -7.89 10.87 -19.86
N LYS B 181 -6.92 11.35 -19.09
CA LYS B 181 -5.51 11.37 -19.52
C LYS B 181 -4.62 10.51 -18.65
N TYR B 182 -5.09 10.11 -17.49
CA TYR B 182 -4.26 9.29 -16.61
C TYR B 182 -5.13 8.47 -15.67
N SER B 183 -4.65 7.27 -15.36
CA SER B 183 -5.42 6.31 -14.61
C SER B 183 -4.80 6.05 -13.25
N ILE B 184 -5.61 6.06 -12.19
CA ILE B 184 -5.11 5.85 -10.84
C ILE B 184 -5.89 4.78 -10.11
N PHE B 185 -5.16 3.79 -9.60
CA PHE B 185 -5.70 2.83 -8.64
C PHE B 185 -5.00 3.06 -7.32
N ASN B 186 -5.78 3.37 -6.29
CA ASN B 186 -5.22 3.86 -5.04
C ASN B 186 -4.87 2.72 -4.09
N LEU B 187 -5.48 1.57 -4.30
CA LEU B 187 -5.32 0.44 -3.40
C LEU B 187 -5.40 -0.85 -4.17
N VAL B 188 -4.25 -1.34 -4.61
CA VAL B 188 -4.19 -2.69 -5.10
C VAL B 188 -3.29 -3.46 -4.15
N PHE B 189 -3.89 -4.30 -3.33
CA PHE B 189 -3.13 -5.04 -2.34
C PHE B 189 -2.13 -5.94 -3.03
N VAL B 190 -0.91 -5.91 -2.50
CA VAL B 190 0.19 -6.74 -2.99
C VAL B 190 -0.20 -8.21 -3.07
N THR B 191 -1.20 -8.59 -2.30
CA THR B 191 -1.70 -9.95 -2.23
C THR B 191 -2.72 -10.22 -3.35
N ASN B 192 -2.81 -9.30 -4.30
CA ASN B 192 -3.82 -9.42 -5.35
C ASN B 192 -3.21 -9.87 -6.67
N GLN B 193 -3.68 -11.03 -7.14
CA GLN B 193 -3.25 -11.62 -8.40
C GLN B 193 -3.19 -10.59 -9.52
N ALA B 194 -4.16 -9.70 -9.56
CA ALA B 194 -4.22 -8.67 -10.59
C ALA B 194 -2.90 -7.91 -10.65
N SER B 195 -2.25 -7.80 -9.50
CA SER B 195 -1.01 -7.04 -9.40
C SER B 195 -0.01 -7.49 -10.45
N TRP B 196 0.30 -8.77 -10.45
CA TRP B 196 1.34 -9.31 -11.30
C TRP B 196 0.78 -9.84 -12.63
N LYS B 197 -0.44 -10.38 -12.58
CA LYS B 197 -1.04 -10.99 -13.77
C LYS B 197 -1.57 -9.95 -14.75
N ILE B 198 -1.81 -8.72 -14.29
CA ILE B 198 -2.46 -7.74 -15.14
C ILE B 198 -1.76 -6.40 -15.18
N TRP B 199 -1.79 -5.68 -14.07
CA TRP B 199 -1.31 -4.30 -14.08
C TRP B 199 0.16 -4.21 -14.41
N ASP B 200 0.97 -5.03 -13.74
CA ASP B 200 2.37 -5.13 -14.09
C ASP B 200 2.47 -5.51 -15.55
N LYS B 201 1.69 -6.51 -15.93
CA LYS B 201 1.67 -7.02 -17.30
C LYS B 201 1.40 -5.92 -18.32
N LEU B 202 0.49 -5.00 -17.99
CA LEU B 202 0.07 -3.97 -18.92
C LEU B 202 0.86 -2.68 -18.75
N ASN B 203 1.96 -2.75 -18.01
CA ASN B 203 2.83 -1.60 -17.79
C ASN B 203 2.10 -0.44 -17.13
N PHE B 204 1.25 -0.78 -16.17
CA PHE B 204 0.79 0.18 -15.18
C PHE B 204 1.95 0.39 -14.22
N GLN B 205 2.41 1.63 -14.08
CA GLN B 205 3.49 1.96 -13.16
C GLN B 205 3.14 1.77 -11.68
N ARG B 206 4.08 1.25 -10.89
CA ARG B 206 3.90 1.14 -9.44
C ARG B 206 4.33 2.47 -8.84
N ILE B 207 3.46 3.47 -9.00
CA ILE B 207 3.83 4.85 -8.71
C ILE B 207 3.96 5.12 -7.22
N GLY B 208 3.56 4.16 -6.40
CA GLY B 208 3.69 4.34 -4.97
C GLY B 208 3.23 3.14 -4.18
N LEU B 209 3.50 3.16 -2.89
CA LEU B 209 3.13 2.06 -2.01
C LEU B 209 2.73 2.58 -0.65
N VAL B 210 1.75 1.91 -0.07
CA VAL B 210 1.26 2.27 1.24
C VAL B 210 1.44 1.08 2.15
N PRO B 211 2.42 1.17 3.06
CA PRO B 211 2.77 0.06 3.94
C PRO B 211 1.67 -0.33 4.91
N HIS B 212 1.48 -1.63 5.12
CA HIS B 212 0.52 -2.14 6.09
C HIS B 212 -0.83 -1.46 5.88
N ALA B 213 -1.12 -1.14 4.62
CA ALA B 213 -2.34 -0.42 4.26
C ALA B 213 -3.61 -1.08 4.77
N GLY B 214 -3.68 -2.40 4.74
CA GLY B 214 -4.96 -3.07 4.91
C GLY B 214 -5.03 -4.30 5.78
N ILE B 215 -6.05 -4.32 6.62
CA ILE B 215 -6.40 -5.48 7.42
C ILE B 215 -7.31 -6.35 6.60
N LEU B 216 -6.81 -7.46 6.09
CA LEU B 216 -7.60 -8.29 5.20
C LEU B 216 -7.92 -9.62 5.84
N ASN B 217 -9.09 -10.17 5.52
CA ASN B 217 -9.47 -11.49 6.01
C ASN B 217 -8.43 -12.52 5.55
N GLY B 218 -8.03 -13.38 6.48
CA GLY B 218 -7.12 -14.46 6.15
C GLY B 218 -5.68 -14.13 6.48
N PHE B 219 -5.30 -12.88 6.31
CA PHE B 219 -3.92 -12.45 6.59
C PHE B 219 -3.78 -11.92 8.02
N SER B 220 -2.94 -12.60 8.81
CA SER B 220 -2.78 -12.26 10.23
C SER B 220 -2.14 -10.89 10.37
N GLU B 221 -1.35 -10.52 9.37
CA GLU B 221 -0.70 -9.21 9.34
C GLU B 221 -1.37 -8.27 8.34
N PRO B 222 -1.15 -6.95 8.48
CA PRO B 222 -1.65 -6.00 7.49
C PRO B 222 -0.88 -6.05 6.17
N VAL B 223 -1.61 -5.78 5.08
CA VAL B 223 -1.11 -5.97 3.75
C VAL B 223 -0.83 -4.63 3.09
N ASP B 224 0.36 -4.48 2.52
CA ASP B 224 0.67 -3.27 1.80
C ASP B 224 -0.28 -3.18 0.61
N ALA B 225 -0.33 -2.00 0.01
CA ALA B 225 -1.27 -1.73 -1.06
C ALA B 225 -0.57 -0.92 -2.13
N ILE B 226 -0.75 -1.35 -3.37
CA ILE B 226 -0.01 -0.75 -4.47
C ILE B 226 -0.80 0.36 -5.10
N ILE B 227 -0.10 1.43 -5.42
CA ILE B 227 -0.71 2.55 -6.10
C ILE B 227 -0.22 2.60 -7.52
N TYR B 228 -1.07 2.17 -8.44
CA TYR B 228 -0.69 2.07 -9.84
C TYR B 228 -1.03 3.36 -10.60
N GLY B 229 -0.13 3.82 -11.45
CA GLY B 229 -0.46 4.87 -12.39
C GLY B 229 -0.20 4.43 -13.83
N LYS B 230 -1.00 4.94 -14.76
CA LYS B 230 -0.70 4.78 -16.17
C LYS B 230 -1.28 5.92 -16.99
N ASP B 231 -0.48 6.47 -17.88
CA ASP B 231 -0.92 7.53 -18.75
C ASP B 231 -1.73 6.91 -19.88
N LEU B 232 -2.86 7.53 -20.20
CA LEU B 232 -3.83 6.97 -21.14
C LEU B 232 -3.70 7.52 -22.56
N THR B 233 -2.92 8.59 -22.70
CA THR B 233 -2.76 9.26 -23.99
C THR B 233 -1.76 8.54 -24.89
N LYS B 234 -0.86 7.77 -24.31
CA LYS B 234 0.17 7.09 -25.08
C LYS B 234 0.22 5.64 -24.64
N ILE B 235 -0.75 4.87 -25.10
CA ILE B 235 -0.82 3.47 -24.70
C ILE B 235 -0.17 2.57 -25.75
N GLU B 236 0.57 1.59 -25.25
CA GLU B 236 1.12 0.51 -26.05
C GLU B 236 0.01 -0.15 -26.87
N PRO B 237 0.06 -0.03 -28.20
CA PRO B 237 -0.93 -0.67 -29.08
C PRO B 237 -1.02 -2.18 -28.91
N GLU B 238 0.11 -2.85 -28.65
CA GLU B 238 0.10 -4.28 -28.34
C GLU B 238 -0.98 -4.57 -27.30
N PHE B 239 -1.20 -3.60 -26.41
CA PHE B 239 -2.12 -3.78 -25.27
C PHE B 239 -3.55 -3.37 -25.64
N LEU B 240 -3.68 -2.39 -26.53
CA LEU B 240 -4.99 -1.97 -27.04
C LEU B 240 -5.58 -3.04 -27.97
N SER B 241 -4.72 -3.67 -28.77
CA SER B 241 -5.16 -4.66 -29.73
C SER B 241 -5.66 -5.90 -29.01
N MET B 242 -6.85 -6.35 -29.36
CA MET B 242 -7.48 -7.49 -28.72
C MET B 242 -7.46 -8.67 -29.68
CA SER C 19 -17.35 20.18 30.85
C SER C 19 -16.20 19.70 29.98
N ILE C 20 -16.09 18.38 29.83
CA ILE C 20 -15.00 17.81 29.06
C ILE C 20 -15.45 17.24 27.71
N GLU C 21 -16.76 17.19 27.47
CA GLU C 21 -17.31 16.47 26.30
C GLU C 21 -16.69 16.91 24.99
N TRP C 22 -16.29 18.17 24.91
CA TRP C 22 -15.74 18.72 23.69
C TRP C 22 -14.32 18.25 23.38
N LYS C 23 -13.68 17.57 24.33
CA LYS C 23 -12.33 17.04 24.10
C LYS C 23 -12.24 15.54 24.35
N LEU C 24 -13.40 14.89 24.47
CA LEU C 24 -13.45 13.44 24.63
C LEU C 24 -13.29 12.70 23.29
N THR C 25 -12.43 11.68 23.29
CA THR C 25 -12.21 10.82 22.14
C THR C 25 -13.38 9.89 21.90
N ALA C 26 -14.16 9.63 22.94
CA ALA C 26 -15.36 8.81 22.81
C ALA C 26 -16.39 9.47 21.92
N ASN C 27 -16.15 10.74 21.58
CA ASN C 27 -17.07 11.48 20.73
C ASN C 27 -16.53 11.64 19.31
N LEU C 28 -15.50 10.88 19.00
CA LEU C 28 -14.90 10.94 17.68
C LEU C 28 -15.88 10.40 16.66
N ARG C 29 -16.05 11.13 15.57
CA ARG C 29 -16.99 10.74 14.52
C ARG C 29 -16.27 10.23 13.29
N ASN C 30 -16.74 9.11 12.75
CA ASN C 30 -16.25 8.58 11.49
C ASN C 30 -14.73 8.50 11.48
N GLY C 31 -14.16 7.87 12.51
CA GLY C 31 -12.73 7.64 12.59
C GLY C 31 -12.39 6.19 12.26
N PRO C 32 -11.24 5.69 12.74
CA PRO C 32 -10.85 4.31 12.43
C PRO C 32 -11.88 3.31 12.94
N THR C 33 -11.99 2.19 12.23
CA THR C 33 -12.99 1.18 12.53
C THR C 33 -12.36 0.10 13.38
N PHE C 34 -11.05 -0.09 13.22
CA PHE C 34 -10.34 -1.18 13.88
C PHE C 34 -9.51 -0.75 15.09
N PHE C 35 -9.14 0.53 15.17
CA PHE C 35 -8.25 0.97 16.22
C PHE C 35 -8.87 1.96 17.17
N GLN C 36 -8.76 1.66 18.46
CA GLN C 36 -9.27 2.54 19.49
C GLN C 36 -8.32 3.73 19.66
N PRO C 37 -8.81 4.84 20.22
CA PRO C 37 -7.97 5.98 20.55
C PRO C 37 -7.03 5.64 21.69
N LEU C 38 -5.86 6.26 21.73
CA LEU C 38 -4.87 5.94 22.74
C LEU C 38 -5.01 6.86 23.95
N ALA C 39 -6.13 7.56 24.03
CA ALA C 39 -6.35 8.53 25.09
C ALA C 39 -7.84 8.70 25.33
N ASP C 40 -8.21 9.05 26.57
CA ASP C 40 -9.61 9.30 26.89
C ASP C 40 -10.01 10.71 26.48
N SER C 41 -9.03 11.55 26.18
CA SER C 41 -9.28 12.95 25.88
C SER C 41 -8.14 13.57 25.09
N ILE C 42 -8.41 14.67 24.39
CA ILE C 42 -7.35 15.48 23.80
C ILE C 42 -7.27 16.84 24.51
N GLU C 43 -6.12 17.14 25.09
CA GLU C 43 -5.94 18.40 25.81
C GLU C 43 -5.39 19.48 24.86
N PRO C 44 -5.91 20.71 24.99
CA PRO C 44 -5.38 21.82 24.20
C PRO C 44 -3.89 21.92 24.39
N LEU C 45 -3.22 22.28 23.31
CA LEU C 45 -1.79 22.23 23.28
C LEU C 45 -1.31 23.64 23.06
N GLN C 46 -0.62 24.18 24.05
CA GLN C 46 -0.13 25.53 23.94
C GLN C 46 1.30 25.48 23.53
N PHE C 47 1.76 26.55 22.93
CA PHE C 47 3.12 26.63 22.51
C PHE C 47 3.35 28.03 22.03
N LYS C 48 4.61 28.35 21.78
CA LYS C 48 4.97 29.66 21.26
C LYS C 48 5.14 29.50 19.75
N LEU C 49 4.97 30.60 19.03
CA LEU C 49 5.19 30.58 17.60
C LEU C 49 6.68 30.52 17.32
N ILE C 50 7.07 29.80 16.27
CA ILE C 50 8.46 29.71 15.84
C ILE C 50 9.08 31.10 15.71
N GLY C 51 9.98 31.44 16.64
CA GLY C 51 10.75 32.66 16.56
C GLY C 51 10.06 33.87 17.16
N SER C 52 9.28 33.63 18.21
N SER C 52 9.29 33.64 18.22
CA SER C 52 8.59 34.70 18.91
CA SER C 52 8.72 34.75 18.97
C SER C 52 8.17 34.25 20.29
C SER C 52 8.19 34.26 20.30
N ASP C 53 7.59 35.17 21.06
CA ASP C 53 7.13 34.83 22.39
C ASP C 53 5.61 34.70 22.34
N THR C 54 5.07 34.83 21.12
CA THR C 54 3.62 34.78 20.93
C THR C 54 3.09 33.40 21.18
N VAL C 55 2.06 33.30 22.02
CA VAL C 55 1.52 32.01 22.40
C VAL C 55 0.37 31.64 21.49
N ALA C 56 0.22 30.35 21.23
CA ALA C 56 -0.87 29.85 20.43
C ALA C 56 -1.33 28.57 21.07
N THR C 57 -2.61 28.29 20.96
CA THR C 57 -3.18 27.11 21.56
C THR C 57 -3.95 26.39 20.48
N ALA C 58 -3.76 25.08 20.41
CA ALA C 58 -4.46 24.29 19.43
C ALA C 58 -5.63 23.63 20.13
N PHE C 59 -6.79 23.63 19.46
CA PHE C 59 -8.01 23.07 20.02
C PHE C 59 -8.54 21.93 19.16
N PRO C 60 -9.00 20.86 19.82
CA PRO C 60 -9.68 19.74 19.17
C PRO C 60 -11.09 20.13 18.81
N VAL C 61 -11.61 19.56 17.73
CA VAL C 61 -12.99 19.77 17.35
C VAL C 61 -13.63 18.46 16.94
N PHE C 62 -14.32 17.83 17.88
CA PHE C 62 -14.99 16.57 17.60
C PHE C 62 -16.34 16.83 16.94
N ASP C 63 -16.83 18.04 17.14
CA ASP C 63 -18.10 18.44 16.57
C ASP C 63 -18.20 19.96 16.54
N THR C 64 -18.87 20.46 15.52
CA THR C 64 -19.01 21.90 15.31
C THR C 64 -19.72 22.62 16.44
N LYS C 65 -20.66 21.96 17.09
CA LYS C 65 -21.46 22.62 18.10
C LYS C 65 -20.60 23.09 19.26
N TYR C 66 -19.43 22.48 19.41
CA TYR C 66 -18.51 22.84 20.49
C TYR C 66 -17.71 24.09 20.13
N ILE C 67 -17.96 24.64 18.96
CA ILE C 67 -17.22 25.84 18.56
C ILE C 67 -18.16 26.97 18.08
N PRO C 68 -17.72 28.23 18.20
CA PRO C 68 -18.60 29.36 17.90
C PRO C 68 -18.97 29.47 16.43
N ASP C 69 -20.24 29.74 16.15
CA ASP C 69 -20.71 29.86 14.78
C ASP C 69 -19.92 30.87 13.98
N SER C 70 -19.52 31.96 14.61
CA SER C 70 -18.83 33.02 13.90
C SER C 70 -17.49 32.49 13.39
N LEU C 71 -16.87 31.60 14.14
CA LEU C 71 -15.60 31.00 13.73
C LEU C 71 -15.83 30.06 12.54
N ILE C 72 -16.85 29.22 12.66
N ILE C 72 -16.85 29.23 12.65
CA ILE C 72 -17.19 28.26 11.60
CA ILE C 72 -17.17 28.27 11.60
C ILE C 72 -17.38 28.99 10.28
C ILE C 72 -17.44 28.96 10.27
N ASN C 73 -18.12 30.10 10.34
CA ASN C 73 -18.41 30.89 9.14
C ASN C 73 -17.17 31.61 8.63
N TYR C 74 -16.25 31.92 9.53
CA TYR C 74 -15.00 32.54 9.11
C TYR C 74 -14.15 31.52 8.37
N LEU C 75 -14.17 30.28 8.86
CA LEU C 75 -13.42 29.18 8.25
C LEU C 75 -14.02 28.80 6.89
N PHE C 76 -15.34 28.79 6.84
CA PHE C 76 -16.04 28.54 5.60
C PHE C 76 -15.53 29.47 4.53
N LYS C 77 -15.50 30.76 4.83
CA LYS C 77 -15.07 31.73 3.85
C LYS C 77 -13.61 31.56 3.51
N LEU C 78 -12.81 31.28 4.51
CA LEU C 78 -11.38 31.18 4.30
C LEU C 78 -11.09 30.12 3.24
N PHE C 79 -11.68 28.95 3.41
CA PHE C 79 -11.40 27.83 2.54
C PHE C 79 -11.75 28.20 1.10
N ASN C 80 -12.91 28.82 0.92
CA ASN C 80 -13.40 29.19 -0.40
C ASN C 80 -12.44 30.17 -1.02
N LEU C 81 -11.75 30.90 -0.18
CA LEU C 81 -10.72 31.77 -0.66
C LEU C 81 -9.54 30.95 -1.17
N GLU C 82 -9.15 29.92 -0.41
CA GLU C 82 -8.05 29.06 -0.79
C GLU C 82 -8.40 28.33 -2.07
N ILE C 83 -9.65 27.92 -2.16
CA ILE C 83 -10.17 27.25 -3.35
C ILE C 83 -10.19 28.18 -4.54
N GLU C 84 -10.58 29.43 -4.32
CA GLU C 84 -10.71 30.39 -5.41
C GLU C 84 -9.37 30.80 -5.99
N SER C 85 -8.29 30.67 -5.22
CA SER C 85 -6.97 31.06 -5.73
C SER C 85 -6.46 30.03 -6.73
N GLY C 86 -6.85 28.77 -6.54
CA GLY C 86 -6.63 27.73 -7.53
C GLY C 86 -5.21 27.19 -7.60
N LYS C 87 -4.60 26.90 -6.45
CA LYS C 87 -3.20 26.47 -6.46
C LYS C 87 -2.82 25.36 -5.46
N THR C 88 -3.76 24.91 -4.64
CA THR C 88 -3.42 24.02 -3.53
C THR C 88 -4.41 22.87 -3.41
N TYR C 89 -5.69 23.17 -3.56
CA TYR C 89 -6.72 22.16 -3.49
C TYR C 89 -7.27 21.92 -4.90
N PRO C 90 -7.79 20.70 -5.14
CA PRO C 90 -8.31 20.20 -6.42
C PRO C 90 -9.69 20.77 -6.79
N GLN C 91 -10.40 21.32 -5.80
CA GLN C 91 -11.71 21.91 -6.04
C GLN C 91 -11.60 23.04 -7.05
N LEU C 92 -12.65 23.22 -7.83
CA LEU C 92 -12.67 24.32 -8.78
C LEU C 92 -13.61 25.41 -8.30
N HIS C 93 -14.74 25.00 -7.73
CA HIS C 93 -15.73 25.94 -7.25
C HIS C 93 -15.82 26.00 -5.75
N SER C 94 -16.25 27.15 -5.27
CA SER C 94 -16.52 27.36 -3.86
C SER C 94 -17.62 26.45 -3.36
N LEU C 95 -17.58 26.13 -2.07
CA LEU C 95 -18.53 25.21 -1.46
C LEU C 95 -19.71 25.99 -0.91
N THR C 96 -20.85 25.33 -0.76
CA THR C 96 -21.93 25.89 0.04
C THR C 96 -21.58 25.65 1.52
N LYS C 97 -22.28 26.34 2.40
CA LYS C 97 -22.05 26.19 3.83
C LYS C 97 -22.08 24.71 4.24
N GLN C 98 -23.17 24.02 3.89
CA GLN C 98 -23.34 22.65 4.34
C GLN C 98 -22.34 21.71 3.71
N GLY C 99 -21.83 22.09 2.54
CA GLY C 99 -20.85 21.28 1.87
C GLY C 99 -19.55 21.43 2.61
N PHE C 100 -19.32 22.65 3.08
CA PHE C 100 -18.11 22.93 3.84
C PHE C 100 -18.13 22.21 5.18
N LEU C 101 -19.29 22.15 5.83
CA LEU C 101 -19.42 21.47 7.11
C LEU C 101 -19.16 19.97 6.99
N ASN C 102 -19.61 19.40 5.87
CA ASN C 102 -19.51 17.96 5.67
C ASN C 102 -18.12 17.59 5.24
N TYR C 103 -17.39 18.58 4.78
CA TYR C 103 -16.05 18.35 4.29
C TYR C 103 -15.09 18.42 5.47
N TRP C 104 -15.00 19.60 6.06
CA TRP C 104 -14.01 19.88 7.07
C TRP C 104 -14.32 19.16 8.38
N PHE C 105 -15.60 18.92 8.66
CA PHE C 105 -15.97 18.36 9.95
C PHE C 105 -16.64 17.02 9.79
N HIS C 106 -16.20 16.31 8.77
CA HIS C 106 -16.66 14.96 8.54
C HIS C 106 -16.28 14.07 9.74
N SER C 107 -15.05 14.25 10.24
CA SER C 107 -14.57 13.44 11.37
C SER C 107 -14.08 14.33 12.51
N PHE C 108 -12.88 14.85 12.35
CA PHE C 108 -12.22 15.59 13.40
C PHE C 108 -11.54 16.78 12.78
N ALA C 109 -11.40 17.87 13.54
CA ALA C 109 -10.72 19.05 13.03
C ALA C 109 -9.96 19.71 14.17
N VAL C 110 -9.11 20.66 13.81
CA VAL C 110 -8.31 21.36 14.79
C VAL C 110 -8.23 22.82 14.44
N VAL C 111 -8.47 23.69 15.41
N VAL C 111 -8.45 23.68 15.42
CA VAL C 111 -8.28 25.12 15.21
CA VAL C 111 -8.29 25.11 15.19
C VAL C 111 -7.18 25.63 16.12
C VAL C 111 -7.21 25.64 16.12
N VAL C 112 -6.37 26.51 15.57
CA VAL C 112 -5.25 27.03 16.31
C VAL C 112 -5.43 28.52 16.46
N LEU C 113 -5.45 28.96 17.70
CA LEU C 113 -5.75 30.34 17.98
C LEU C 113 -4.58 30.96 18.68
N GLN C 114 -4.38 32.22 18.37
CA GLN C 114 -3.40 33.04 19.03
C GLN C 114 -3.93 33.44 20.41
N THR C 115 -3.75 32.57 21.40
CA THR C 115 -4.26 32.84 22.72
C THR C 115 -3.67 31.91 23.76
N ASP C 116 -3.78 32.34 25.01
CA ASP C 116 -3.19 31.66 26.14
C ASP C 116 -4.26 30.94 26.93
N GLU C 117 -5.52 31.11 26.52
CA GLU C 117 -6.64 30.44 27.15
C GLU C 117 -6.71 28.96 26.75
N LYS C 118 -7.31 28.15 27.61
CA LYS C 118 -7.41 26.72 27.37
C LYS C 118 -8.84 26.34 26.96
N PHE C 119 -9.58 27.33 26.48
CA PHE C 119 -10.89 27.11 25.92
C PHE C 119 -11.14 28.18 24.87
N ILE C 120 -12.10 27.92 24.00
CA ILE C 120 -12.38 28.84 22.90
C ILE C 120 -13.48 29.83 23.29
N GLN C 121 -13.15 31.11 23.26
CA GLN C 121 -14.12 32.14 23.60
C GLN C 121 -14.97 32.52 22.42
N ASP C 122 -16.24 32.77 22.67
CA ASP C 122 -17.14 33.21 21.62
C ASP C 122 -16.80 34.58 21.08
N ASN C 123 -17.37 34.87 19.93
CA ASN C 123 -17.32 36.20 19.35
C ASN C 123 -15.95 36.91 19.44
N GLN C 124 -14.88 36.20 19.11
CA GLN C 124 -13.55 36.82 18.94
C GLN C 124 -13.38 37.41 17.54
N ASP C 125 -12.31 38.19 17.34
CA ASP C 125 -12.00 38.70 16.01
C ASP C 125 -11.13 37.69 15.28
N TRP C 126 -11.78 36.81 14.54
CA TRP C 126 -11.12 35.64 13.97
C TRP C 126 -10.01 36.00 13.00
N ASN C 127 -10.13 37.11 12.30
CA ASN C 127 -9.14 37.40 11.28
C ASN C 127 -7.74 37.55 11.85
N SER C 128 -7.66 37.91 13.14
CA SER C 128 -6.39 38.08 13.79
C SER C 128 -6.11 36.92 14.72
N VAL C 129 -7.16 36.38 15.33
CA VAL C 129 -7.00 35.37 16.36
C VAL C 129 -6.81 33.97 15.78
N LEU C 130 -7.48 33.68 14.67
CA LEU C 130 -7.32 32.38 14.06
C LEU C 130 -5.99 32.32 13.33
N LEU C 131 -5.16 31.35 13.71
CA LEU C 131 -3.89 31.15 13.06
C LEU C 131 -4.02 30.15 11.93
N GLY C 132 -4.72 29.06 12.19
CA GLY C 132 -4.93 28.06 11.18
C GLY C 132 -5.82 26.93 11.66
N THR C 133 -6.17 26.04 10.72
CA THR C 133 -7.05 24.92 10.99
C THR C 133 -6.66 23.74 10.09
N PHE C 134 -7.00 22.51 10.49
CA PHE C 134 -6.87 21.36 9.59
C PHE C 134 -7.84 20.26 10.02
N TYR C 135 -8.18 19.37 9.10
CA TYR C 135 -9.04 18.25 9.46
C TYR C 135 -8.21 16.99 9.54
N ILE C 136 -8.77 15.96 10.15
CA ILE C 136 -8.19 14.64 10.09
C ILE C 136 -9.30 13.66 9.89
N LYS C 137 -9.23 12.89 8.82
CA LYS C 137 -10.21 11.84 8.60
C LYS C 137 -9.52 10.61 8.04
N PRO C 138 -10.21 9.48 8.04
CA PRO C 138 -9.67 8.29 7.38
C PRO C 138 -9.60 8.53 5.89
N ASN C 139 -8.50 8.12 5.27
CA ASN C 139 -8.32 8.34 3.85
C ASN C 139 -8.97 7.23 3.05
N TYR C 140 -9.55 6.24 3.74
CA TYR C 140 -10.11 5.07 3.09
C TYR C 140 -11.20 4.42 3.91
N ALA C 141 -11.97 3.57 3.24
CA ALA C 141 -12.94 2.72 3.90
C ALA C 141 -12.26 1.87 4.97
N PRO C 142 -13.05 1.33 5.92
CA PRO C 142 -12.66 0.67 7.18
C PRO C 142 -11.40 -0.19 7.19
N ARG C 143 -11.26 -1.18 6.30
CA ARG C 143 -10.07 -2.02 6.31
C ARG C 143 -8.79 -1.20 6.19
N CYS C 144 -8.90 0.01 5.67
CA CYS C 144 -7.73 0.87 5.54
C CYS C 144 -7.91 2.18 6.30
N SER C 145 -8.83 2.19 7.26
CA SER C 145 -9.17 3.42 7.97
C SER C 145 -8.10 3.86 8.98
N HIS C 146 -7.20 2.96 9.36
CA HIS C 146 -6.09 3.35 10.25
C HIS C 146 -5.09 4.24 9.51
N ASN C 147 -5.36 4.51 8.24
CA ASN C 147 -4.60 5.54 7.55
C ASN C 147 -5.43 6.79 7.52
N CYS C 148 -4.83 7.90 7.89
CA CYS C 148 -5.57 9.14 8.01
C CYS C 148 -5.11 10.11 6.94
N ASN C 149 -6.06 10.94 6.53
CA ASN C 149 -5.80 12.06 5.67
C ASN C 149 -6.02 13.32 6.49
N ALA C 150 -5.37 14.41 6.10
CA ALA C 150 -5.54 15.68 6.79
C ALA C 150 -5.32 16.79 5.79
N GLY C 151 -5.94 17.94 6.00
CA GLY C 151 -5.79 19.06 5.09
C GLY C 151 -5.67 20.31 5.93
N PHE C 152 -4.87 21.25 5.46
CA PHE C 152 -4.42 22.35 6.30
C PHE C 152 -4.72 23.69 5.68
N LEU C 153 -5.10 24.66 6.51
CA LEU C 153 -5.30 26.03 6.08
C LEU C 153 -4.61 26.96 7.05
N VAL C 154 -3.90 27.93 6.50
CA VAL C 154 -3.26 28.94 7.32
C VAL C 154 -3.88 30.28 6.97
N ASN C 155 -4.24 31.04 8.00
CA ASN C 155 -4.83 32.34 7.81
C ASN C 155 -3.78 33.27 7.18
N GLY C 156 -4.15 33.96 6.10
CA GLY C 156 -3.21 34.71 5.30
C GLY C 156 -2.64 35.91 6.02
N ALA C 157 -3.50 36.56 6.82
CA ALA C 157 -3.05 37.69 7.61
C ALA C 157 -1.79 37.26 8.34
N HIS C 158 -1.74 35.98 8.65
CA HIS C 158 -0.62 35.38 9.36
C HIS C 158 0.32 34.69 8.38
N ARG C 159 0.56 35.32 7.24
CA ARG C 159 1.46 34.75 6.24
C ARG C 159 2.90 35.00 6.65
N GLY C 160 3.72 33.95 6.67
CA GLY C 160 5.15 34.08 6.93
C GLY C 160 5.57 33.96 8.37
N GLN C 161 4.98 33.03 9.13
CA GLN C 161 5.29 32.90 10.55
C GLN C 161 5.46 31.45 11.02
N LYS C 162 5.55 30.51 10.08
CA LYS C 162 5.82 29.12 10.43
C LYS C 162 4.60 28.38 10.99
N VAL C 163 3.40 28.93 10.77
CA VAL C 163 2.17 28.35 11.30
C VAL C 163 1.97 26.94 10.78
N GLY C 164 2.13 26.76 9.48
CA GLY C 164 1.97 25.47 8.84
C GLY C 164 2.79 24.43 9.58
N TYR C 165 4.05 24.75 9.83
CA TYR C 165 4.92 23.85 10.54
C TYR C 165 4.29 23.42 11.86
N ARG C 166 3.92 24.39 12.69
CA ARG C 166 3.32 24.12 14.00
C ARG C 166 2.03 23.32 13.85
N LEU C 167 1.22 23.68 12.87
CA LEU C 167 0.01 22.90 12.57
C LEU C 167 0.41 21.44 12.39
N ALA C 168 1.44 21.25 11.58
CA ALA C 168 1.95 19.93 11.31
C ALA C 168 2.38 19.25 12.61
N GLN C 169 3.09 19.98 13.46
CA GLN C 169 3.56 19.39 14.71
C GLN C 169 2.39 18.94 15.59
N VAL C 170 1.34 19.76 15.63
CA VAL C 170 0.12 19.39 16.36
C VAL C 170 -0.44 18.12 15.74
N TYR C 171 -0.51 18.14 14.42
CA TYR C 171 -1.01 17.01 13.67
C TYR C 171 -0.35 15.73 14.17
N LEU C 172 0.97 15.76 14.27
CA LEU C 172 1.76 14.60 14.69
C LEU C 172 1.47 14.14 16.12
N ASN C 173 1.24 15.10 17.02
CA ASN C 173 0.93 14.75 18.40
C ASN C 173 -0.45 14.15 18.55
N TRP C 174 -1.40 14.62 17.75
CA TRP C 174 -2.80 14.27 17.95
C TRP C 174 -3.32 13.12 17.07
N ALA C 175 -2.91 13.07 15.81
CA ALA C 175 -3.39 12.02 14.93
C ALA C 175 -3.36 10.64 15.61
N PRO C 176 -2.17 10.18 16.05
CA PRO C 176 -2.06 8.85 16.67
C PRO C 176 -2.97 8.65 17.87
N LEU C 177 -3.30 9.73 18.58
CA LEU C 177 -4.20 9.63 19.73
C LEU C 177 -5.56 9.16 19.30
N LEU C 178 -5.93 9.46 18.07
CA LEU C 178 -7.23 9.09 17.56
C LEU C 178 -7.23 7.60 17.19
N GLY C 179 -6.04 7.02 17.05
CA GLY C 179 -5.93 5.60 16.78
C GLY C 179 -5.39 5.34 15.39
N TYR C 180 -4.88 6.39 14.74
CA TYR C 180 -4.32 6.25 13.40
C TYR C 180 -2.88 5.83 13.49
N LYS C 181 -2.46 5.01 12.53
CA LYS C 181 -1.15 4.40 12.54
C LYS C 181 -0.27 4.93 11.43
N TYR C 182 -0.89 5.45 10.37
CA TYR C 182 -0.13 5.93 9.23
C TYR C 182 -0.85 7.08 8.54
N SER C 183 -0.10 8.08 8.08
CA SER C 183 -0.70 9.27 7.49
C SER C 183 -0.46 9.30 6.01
N ILE C 184 -1.44 9.79 5.26
CA ILE C 184 -1.32 9.90 3.82
C ILE C 184 -1.91 11.17 3.26
N PHE C 185 -1.09 11.91 2.52
CA PHE C 185 -1.53 13.08 1.78
C PHE C 185 -1.55 12.75 0.31
N ASN C 186 -2.74 12.65 -0.25
CA ASN C 186 -2.92 12.11 -1.59
C ASN C 186 -2.49 13.07 -2.67
N LEU C 187 -2.46 14.35 -2.32
CA LEU C 187 -2.10 15.36 -3.30
C LEU C 187 -1.41 16.54 -2.65
N VAL C 188 -0.09 16.63 -2.83
CA VAL C 188 0.64 17.87 -2.57
C VAL C 188 1.35 18.31 -3.84
N PHE C 189 0.95 19.45 -4.39
CA PHE C 189 1.52 19.92 -5.63
C PHE C 189 2.93 20.43 -5.46
N VAL C 190 3.78 20.07 -6.42
CA VAL C 190 5.18 20.45 -6.39
C VAL C 190 5.34 21.97 -6.43
N THR C 191 4.29 22.68 -6.83
CA THR C 191 4.31 24.13 -6.86
C THR C 191 4.06 24.71 -5.47
N ASN C 192 3.91 23.83 -4.49
CA ASN C 192 3.52 24.24 -3.16
C ASN C 192 4.64 24.12 -2.14
N GLN C 193 4.90 25.20 -1.43
CA GLN C 193 6.01 25.30 -0.48
C GLN C 193 5.85 24.41 0.74
N ALA C 194 4.68 23.79 0.89
CA ALA C 194 4.44 22.91 2.04
C ALA C 194 5.28 21.63 1.96
N SER C 195 5.60 21.20 0.75
CA SER C 195 6.49 20.07 0.58
C SER C 195 7.81 20.39 1.28
N TRP C 196 8.41 21.53 0.93
CA TRP C 196 9.65 21.97 1.56
N ILE C 198 7.96 21.55 4.30
CA ILE C 198 7.55 21.19 5.66
C ILE C 198 7.62 19.68 5.84
N TRP C 199 6.88 18.96 4.99
CA TRP C 199 6.72 17.52 5.17
C TRP C 199 8.04 16.84 5.01
N ASP C 200 8.90 17.47 4.22
CA ASP C 200 10.25 16.99 4.09
C ASP C 200 10.96 17.20 5.43
N LYS C 201 10.95 18.44 5.92
CA LYS C 201 11.57 18.75 7.21
C LYS C 201 11.10 17.82 8.31
N LEU C 202 9.88 17.31 8.16
CA LEU C 202 9.29 16.49 9.20
C LEU C 202 9.38 15.02 8.83
N ASN C 203 10.28 14.70 7.90
CA ASN C 203 10.51 13.33 7.52
C ASN C 203 9.21 12.66 7.10
N PHE C 204 8.43 13.35 6.29
CA PHE C 204 7.35 12.72 5.55
C PHE C 204 7.96 12.14 4.29
N GLN C 205 7.78 10.84 4.12
CA GLN C 205 8.33 10.15 2.98
C GLN C 205 7.49 10.46 1.76
N ARG C 206 8.15 10.79 0.65
CA ARG C 206 7.45 10.88 -0.62
C ARG C 206 7.22 9.47 -1.16
N ILE C 207 6.06 8.92 -0.86
CA ILE C 207 5.78 7.52 -1.17
C ILE C 207 5.17 7.36 -2.54
N GLY C 208 5.10 8.46 -3.29
CA GLY C 208 4.57 8.41 -4.63
C GLY C 208 4.60 9.76 -5.28
N LEU C 209 4.19 9.81 -6.54
CA LEU C 209 4.07 11.06 -7.27
C LEU C 209 3.10 10.89 -8.43
N VAL C 210 2.25 11.88 -8.64
CA VAL C 210 1.29 11.87 -9.74
C VAL C 210 1.66 12.92 -10.80
N PRO C 211 2.10 12.48 -11.98
CA PRO C 211 2.51 13.44 -13.00
C PRO C 211 1.34 14.20 -13.60
N HIS C 212 1.52 15.48 -13.91
CA HIS C 212 0.46 16.29 -14.52
C HIS C 212 -0.85 16.04 -13.78
N ALA C 213 -0.77 16.00 -12.45
CA ALA C 213 -1.92 15.67 -11.65
C ALA C 213 -3.02 16.72 -11.73
N GLY C 214 -2.64 17.99 -11.84
CA GLY C 214 -3.61 19.05 -11.63
C GLY C 214 -3.50 20.25 -12.54
N ILE C 215 -4.68 20.73 -12.96
CA ILE C 215 -4.80 21.99 -13.70
C ILE C 215 -4.95 23.14 -12.71
N LEU C 216 -3.88 23.92 -12.55
CA LEU C 216 -3.84 24.94 -11.51
C LEU C 216 -3.79 26.31 -12.13
N ASN C 217 -4.47 27.26 -11.50
CA ASN C 217 -4.50 28.62 -11.96
C ASN C 217 -3.09 29.19 -12.03
N GLY C 218 -2.79 29.92 -13.10
CA GLY C 218 -1.44 30.37 -13.37
C GLY C 218 -0.73 29.38 -14.27
N PHE C 219 -0.57 28.15 -13.79
CA PHE C 219 0.20 27.15 -14.51
C PHE C 219 -0.45 26.77 -15.86
N SER C 220 0.29 26.95 -16.94
CA SER C 220 -0.19 26.62 -18.29
C SER C 220 -0.11 25.13 -18.57
N GLU C 221 0.69 24.43 -17.77
CA GLU C 221 0.80 22.98 -17.87
C GLU C 221 0.39 22.33 -16.56
N PRO C 222 -0.22 21.14 -16.65
CA PRO C 222 -0.59 20.34 -15.49
C PRO C 222 0.57 20.15 -14.53
N VAL C 223 0.27 20.12 -13.24
CA VAL C 223 1.31 20.16 -12.24
C VAL C 223 1.34 18.84 -11.50
N ASP C 224 2.52 18.26 -11.38
CA ASP C 224 2.68 17.00 -10.68
C ASP C 224 2.27 17.16 -9.23
N ALA C 225 2.04 16.05 -8.54
CA ALA C 225 1.68 16.09 -7.13
C ALA C 225 2.30 14.95 -6.34
N ILE C 226 2.77 15.26 -5.13
CA ILE C 226 3.42 14.27 -4.31
C ILE C 226 2.46 13.56 -3.39
N ILE C 227 2.71 12.29 -3.16
CA ILE C 227 1.96 11.53 -2.18
C ILE C 227 2.85 11.29 -0.98
N TYR C 228 2.60 12.01 0.11
CA TYR C 228 3.41 11.85 1.30
C TYR C 228 2.77 10.83 2.21
N GLY C 229 3.61 10.12 2.95
CA GLY C 229 3.13 9.13 3.90
C GLY C 229 3.92 9.29 5.17
N LYS C 230 3.47 8.65 6.25
CA LYS C 230 4.29 8.61 7.45
C LYS C 230 3.70 7.69 8.50
N ASP C 231 4.60 7.04 9.22
CA ASP C 231 4.23 6.15 10.30
C ASP C 231 4.01 6.96 11.56
N LEU C 232 2.80 6.86 12.11
CA LEU C 232 2.44 7.63 13.27
C LEU C 232 2.75 6.81 14.51
N THR C 233 3.28 5.61 14.29
CA THR C 233 3.69 4.74 15.38
C THR C 233 5.09 5.10 15.88
N LYS C 234 5.90 5.72 15.03
CA LYS C 234 7.28 6.03 15.38
C LYS C 234 7.72 7.37 14.80
N ILE C 235 7.64 8.42 15.61
CA ILE C 235 7.91 9.75 15.09
C ILE C 235 9.03 10.41 15.88
N GLU C 236 9.89 11.15 15.18
CA GLU C 236 10.99 11.83 15.82
C GLU C 236 10.48 12.73 16.96
N PRO C 237 10.88 12.42 18.21
CA PRO C 237 10.56 13.23 19.39
C PRO C 237 10.93 14.69 19.18
N GLU C 238 11.98 14.89 18.38
CA GLU C 238 12.46 16.22 18.04
C GLU C 238 11.41 17.04 17.29
N PHE C 239 10.52 16.33 16.62
CA PHE C 239 9.50 16.94 15.77
C PHE C 239 8.24 17.20 16.58
N LEU C 240 7.92 16.31 17.52
CA LEU C 240 6.72 16.43 18.32
C LEU C 240 6.82 17.57 19.32
N SER C 241 8.01 17.77 19.87
CA SER C 241 8.20 18.85 20.82
C SER C 241 8.24 20.21 20.11
N MET C 242 7.71 21.21 20.80
CA MET C 242 7.81 22.59 20.32
C MET C 242 8.94 23.28 21.05
O1 P6G D . 20.78 -23.56 -6.90
C2 P6G D . 19.58 -24.10 -6.48
C3 P6G D . 19.28 -24.15 -5.01
O4 P6G D . 19.83 -25.16 -4.26
C5 P6G D . 19.40 -25.47 -2.99
C6 P6G D . 20.33 -26.27 -2.19
O7 P6G D . 21.40 -26.73 -2.90
C8 P6G D . 22.25 -27.66 -2.38
C9 P6G D . 23.23 -28.29 -3.31
O10 P6G D . 23.88 -27.44 -4.17
C11 P6G D . 24.78 -27.97 -5.05
C12 P6G D . 25.48 -27.02 -5.96
O13 P6G D . 24.82 -25.89 -6.34
C14 P6G D . 25.49 -24.97 -7.11
C15 P6G D . 25.79 -25.33 -8.52
O16 P6G D . 24.96 -25.23 -9.25
MG MG E . 38.77 -10.06 11.18
O1 P6G F . -11.96 7.62 -5.17
C2 P6G F . -12.46 6.47 -4.55
C3 P6G F . -12.81 5.27 -5.36
O4 P6G F . -14.06 5.19 -5.96
C5 P6G F . -15.01 4.28 -5.52
C6 P6G F . -16.42 4.47 -5.98
O7 P6G F . -16.85 5.76 -6.22
C8 P6G F . -18.15 6.16 -5.99
C9 P6G F . -18.39 7.62 -5.80
O10 P6G F . -17.57 8.51 -6.48
C11 P6G F . -17.34 9.77 -5.96
C12 P6G F . -16.61 10.76 -6.82
O13 P6G F . -15.25 10.90 -6.65
O1 P6G G . -14.83 11.63 3.31
C2 P6G G . -15.25 12.82 3.88
C3 P6G G . -14.75 14.10 3.29
O4 P6G G . -13.40 14.34 3.30
C5 P6G G . -12.88 15.46 2.70
C6 P6G G . -11.43 15.46 2.32
O7 P6G G . -10.91 14.29 1.80
C8 P6G G . -9.93 14.31 0.83
C9 P6G G . -9.32 13.01 0.47
O10 P6G G . -10.03 11.89 0.87
C11 P6G G . -9.99 10.72 0.14
C12 P6G G . -11.14 9.77 0.26
O13 P6G G . -11.63 9.49 1.53
#